data_5WMM
#
_entry.id   5WMM
#
_cell.length_a   136.712
_cell.length_b   136.712
_cell.length_c   228.234
_cell.angle_alpha   90.00
_cell.angle_beta   90.00
_cell.angle_gamma   120.00
#
_symmetry.space_group_name_H-M   'P 32 2 1'
#
loop_
_entity.id
_entity.type
_entity.pdbx_description
1 polymer NRPS
2 polymer 'MbtH homologue'
3 non-polymer '(2S)-2-amino-3-methylbutanoyl (2S,3S,4R,5R)-5-(6-amino-9H-purin-9-yl)-3,4-dihydroxyoxolan-2-yl hydrogen (S)-phosphate'
4 non-polymer S-ADENOSYL-L-HOMOCYSTEINE
5 non-polymer 'CHLORIDE ION'
6 non-polymer 'CALCIUM ION'
7 water water
#
loop_
_entity_poly.entity_id
_entity_poly.type
_entity_poly.pdbx_seq_one_letter_code
_entity_poly.pdbx_strand_id
1 'polypeptide(L)'
;MGSSHHHHHHSSGLVPRGSHMDAPIDAVEILNRDDLAALERWTGRARGTDRVVGTIPERFAAVVAEQPEAVALVAADGEE
SWTYGELDRWANRIAHHLHARGVGRQHRVALVMERSPLLVAAVLGTLKAGACYVPVEPTWPRARIDLVLADLDPALVIDE
RLAEEDLTGYPTRPLDTADVGGEHLAYLMYTSGSTGTPKGVEVSHRNVLSLALDPCWADADHQRVLVHAPPTFDASTYEM
WVPLLHGGAAVVAPPGKLDAARLATLIAERGVTALWLPAGLFDLITQHHPKSFVQVREVWAGGDVLSPAAVRRLVRDDGT
LTVVNGYGPTETTTFAARYRMSAPARCKDPLPIGEPMAGSRLYALDDRLRQVPQGVIGELYVGGDGVARGYANHPPLTSE
RFVADPFGRPGERMYRTGDLVRWNHDGQLEFLGRVDEQVKIRGFRVEPGEIRAALRKRDGVAQAVVVPRTDRLGERRLVA
YVVPEVPAGADEDSTEHVEKWRAIYDSMYDETEADATEIGNDFTGWKSSYTRDNIPLSEMRRWRDSVVEEVRGLRARRIL
EIGVGSGLLLGPLAPEAEAYWGTDFSLPVIERLEVQVGTDPCLKEKVSLRCQHADVADGLPVKYFDTVILNSVVQYFPDA
AYLSRVLDVALDRLAPGGRILVGDVRNYGTLREFLTAVHHAQHPQDSASAVRAAVERAVLAEKELVIDPDFFTEWARTRP
DVVAVDIRLKPGADQNELTRHRYEVILHKQPSQPLRLADVRTANWGSEVPDLSGLETALARHGGRLRLARIPNARLVSEA
VQCGVPTNVGGTPLDPHELASWGGQRGYSVHCTWSAEAPGWFEAVIIPVDSGHCRDGVYRPVGPRPRQLVNLPAAARRVS
RLPSWLREELAAELPEHLVPGDIVVMERLPLTTNGKIDHSRLPEVE
;
A
2 'polypeptide(L)'
;MGSSHHHHHHSQDPNSMSVNPFDDEDGEFYVLVNDEEQHSLWPTFGDVPDGWRIVFGPAGRAESVAYVEENWTDMRPKSL
REAMSAA
;
B
#
loop_
_chem_comp.id
_chem_comp.type
_chem_comp.name
_chem_comp.formula
B6G non-polymer '(2S)-2-amino-3-methylbutanoyl (2S,3S,4R,5R)-5-(6-amino-9H-purin-9-yl)-3,4-dihydroxyoxolan-2-yl hydrogen (S)-phosphate' 'C14 H21 N6 O8 P'
CA non-polymer 'CALCIUM ION' 'Ca 2'
CL non-polymer 'CHLORIDE ION' 'Cl -1'
#
# COMPACT_ATOMS: atom_id res chain seq x y z
N VAL A 53 38.40 -27.52 19.05
CA VAL A 53 37.08 -27.13 19.62
C VAL A 53 36.22 -26.38 18.58
N GLY A 54 34.91 -26.63 18.60
CA GLY A 54 33.99 -26.03 17.62
C GLY A 54 32.62 -25.65 18.15
N THR A 55 32.53 -25.28 19.44
CA THR A 55 31.30 -24.71 20.03
C THR A 55 31.62 -23.51 20.91
N ILE A 56 30.57 -22.76 21.24
CA ILE A 56 30.69 -21.52 22.02
C ILE A 56 31.03 -21.81 23.50
N PRO A 57 30.34 -22.79 24.14
CA PRO A 57 30.76 -23.20 25.49
C PRO A 57 32.22 -23.67 25.62
N GLU A 58 32.70 -24.41 24.61
CA GLU A 58 34.08 -24.92 24.61
C GLU A 58 35.11 -23.79 24.53
N ARG A 59 34.84 -22.80 23.69
CA ARG A 59 35.70 -21.61 23.59
C ARG A 59 35.57 -20.69 24.81
N PHE A 60 34.35 -20.58 25.35
CA PHE A 60 34.12 -19.82 26.59
C PHE A 60 34.80 -20.47 27.80
N ALA A 61 34.81 -21.80 27.83
CA ALA A 61 35.51 -22.57 28.86
C ALA A 61 37.02 -22.31 28.88
N ALA A 62 37.59 -22.06 27.70
CA ALA A 62 39.02 -21.71 27.57
C ALA A 62 39.36 -20.35 28.16
N VAL A 63 38.41 -19.42 28.11
CA VAL A 63 38.58 -18.07 28.69
C VAL A 63 38.52 -18.13 30.22
N VAL A 64 37.49 -18.78 30.76
CA VAL A 64 37.35 -18.93 32.23
C VAL A 64 38.52 -19.71 32.85
N ALA A 65 39.08 -20.65 32.11
CA ALA A 65 40.29 -21.40 32.51
C ALA A 65 41.49 -20.48 32.76
N GLU A 66 41.63 -19.45 31.93
CA GLU A 66 42.75 -18.49 32.02
C GLU A 66 42.49 -17.32 32.99
N GLN A 67 41.29 -16.75 32.91
CA GLN A 67 40.94 -15.53 33.65
C GLN A 67 39.66 -15.68 34.49
N PRO A 68 39.67 -16.58 35.48
CA PRO A 68 38.47 -16.75 36.32
C PRO A 68 38.10 -15.52 37.17
N GLU A 69 39.09 -14.70 37.53
CA GLU A 69 38.89 -13.51 38.38
C GLU A 69 38.72 -12.20 37.59
N ALA A 70 38.86 -12.25 36.27
CA ALA A 70 38.65 -11.06 35.43
C ALA A 70 37.16 -10.80 35.24
N VAL A 71 36.82 -9.52 35.01
CA VAL A 71 35.43 -9.08 34.91
C VAL A 71 34.86 -9.46 33.54
N ALA A 72 33.78 -10.22 33.56
CA ALA A 72 33.10 -10.70 32.34
C ALA A 72 31.84 -9.91 31.99
N LEU A 73 31.09 -9.49 33.00
CA LEU A 73 29.75 -8.93 32.84
C LEU A 73 29.54 -7.78 33.83
N VAL A 74 29.06 -6.65 33.32
CA VAL A 74 28.84 -5.44 34.14
C VAL A 74 27.39 -4.96 33.96
N ALA A 75 26.77 -4.57 35.07
CA ALA A 75 25.38 -4.11 35.08
C ALA A 75 25.23 -2.70 34.52
N ALA A 76 23.98 -2.32 34.27
CA ALA A 76 23.64 -0.97 33.78
C ALA A 76 23.91 0.11 34.82
N ASP A 77 23.77 -0.24 36.09
CA ASP A 77 24.08 0.64 37.22
C ASP A 77 25.57 1.00 37.27
N GLY A 78 26.42 -0.01 37.11
CA GLY A 78 27.86 0.11 37.36
C GLY A 78 28.29 -0.43 38.72
N GLU A 79 27.33 -0.61 39.63
CA GLU A 79 27.59 -1.08 40.99
C GLU A 79 27.91 -2.58 41.05
N GLU A 80 27.13 -3.38 40.32
CA GLU A 80 27.30 -4.84 40.28
C GLU A 80 28.13 -5.27 39.07
N SER A 81 28.95 -6.30 39.26
CA SER A 81 29.73 -6.91 38.18
C SER A 81 30.07 -8.36 38.51
N TRP A 82 30.06 -9.21 37.48
CA TRP A 82 30.33 -10.63 37.61
C TRP A 82 31.63 -11.00 36.89
N THR A 83 32.40 -11.88 37.50
CA THR A 83 33.62 -12.41 36.91
C THR A 83 33.30 -13.55 35.95
N TYR A 84 34.31 -13.99 35.20
CA TYR A 84 34.18 -15.16 34.32
C TYR A 84 33.83 -16.42 35.09
N GLY A 85 34.47 -16.60 36.25
CA GLY A 85 34.16 -17.72 37.15
C GLY A 85 32.73 -17.69 37.68
N GLU A 86 32.32 -16.53 38.18
CA GLU A 86 30.95 -16.34 38.69
C GLU A 86 29.90 -16.51 37.59
N LEU A 87 30.17 -15.96 36.41
CA LEU A 87 29.28 -16.10 35.25
C LEU A 87 29.16 -17.55 34.76
N ASP A 88 30.28 -18.28 34.82
CA ASP A 88 30.31 -19.70 34.42
C ASP A 88 29.45 -20.55 35.35
N ARG A 89 29.66 -20.38 36.66
CA ARG A 89 28.88 -21.09 37.68
C ARG A 89 27.40 -20.72 37.66
N TRP A 90 27.10 -19.43 37.46
CA TRP A 90 25.72 -18.94 37.31
C TRP A 90 25.04 -19.55 36.09
N ALA A 91 25.76 -19.58 34.97
CA ALA A 91 25.27 -20.21 33.74
C ALA A 91 25.06 -21.72 33.88
N ASN A 92 25.96 -22.38 34.60
CA ASN A 92 25.84 -23.81 34.90
C ASN A 92 24.58 -24.14 35.71
N ARG A 93 24.30 -23.30 36.72
CA ARG A 93 23.08 -23.45 37.54
C ARG A 93 21.81 -23.36 36.69
N ILE A 94 21.80 -22.46 35.71
CA ILE A 94 20.70 -22.34 34.75
C ILE A 94 20.62 -23.57 33.85
N ALA A 95 21.76 -24.08 33.39
CA ALA A 95 21.83 -25.28 32.55
C ALA A 95 21.26 -26.52 33.24
N HIS A 96 21.54 -26.66 34.53
CA HIS A 96 20.96 -27.73 35.36
C HIS A 96 19.44 -27.55 35.53
N HIS A 97 19.01 -26.31 35.77
CA HIS A 97 17.59 -25.96 35.88
C HIS A 97 16.81 -26.26 34.60
N LEU A 98 17.41 -25.96 33.46
CA LEU A 98 16.82 -26.27 32.14
C LEU A 98 16.73 -27.79 31.91
N HIS A 99 17.76 -28.51 32.31
CA HIS A 99 17.78 -29.99 32.22
C HIS A 99 16.71 -30.64 33.10
N ALA A 100 16.46 -30.06 34.27
CA ALA A 100 15.40 -30.52 35.18
C ALA A 100 14.00 -30.40 34.57
N ARG A 101 13.79 -29.34 33.79
CA ARG A 101 12.50 -29.07 33.11
C ARG A 101 12.36 -29.71 31.72
N GLY A 102 13.34 -30.53 31.32
CA GLY A 102 13.25 -31.37 30.10
C GLY A 102 13.99 -30.87 28.87
N VAL A 103 14.86 -29.87 29.03
CA VAL A 103 15.62 -29.30 27.92
C VAL A 103 16.88 -30.13 27.67
N GLY A 104 16.97 -30.70 26.47
CA GLY A 104 18.09 -31.54 26.05
C GLY A 104 18.78 -31.03 24.79
N ARG A 105 19.43 -31.94 24.08
CA ARG A 105 20.19 -31.61 22.88
C ARG A 105 19.25 -31.30 21.71
N GLN A 106 19.64 -30.31 20.90
CA GLN A 106 18.86 -29.86 19.72
C GLN A 106 17.46 -29.30 20.02
N HIS A 107 17.24 -28.84 21.25
CA HIS A 107 15.97 -28.24 21.67
C HIS A 107 16.01 -26.72 21.51
N ARG A 108 14.84 -26.12 21.37
CA ARG A 108 14.69 -24.67 21.22
C ARG A 108 14.11 -24.09 22.51
N VAL A 109 14.79 -23.07 23.05
CA VAL A 109 14.38 -22.40 24.29
C VAL A 109 14.06 -20.94 23.98
N ALA A 110 12.80 -20.55 24.16
CA ALA A 110 12.36 -19.18 23.95
C ALA A 110 12.66 -18.32 25.17
N LEU A 111 13.47 -17.28 24.98
CA LEU A 111 13.81 -16.33 26.04
C LEU A 111 13.04 -15.03 25.84
N VAL A 112 11.90 -14.91 26.52
CA VAL A 112 11.02 -13.75 26.42
C VAL A 112 11.42 -12.75 27.51
N MET A 113 12.60 -12.17 27.34
CA MET A 113 13.25 -11.37 28.39
C MET A 113 13.80 -10.05 27.88
N GLU A 114 13.84 -9.08 28.78
CA GLU A 114 14.50 -7.80 28.53
C GLU A 114 16.01 -7.97 28.54
N ARG A 115 16.71 -6.96 28.02
CA ARG A 115 18.16 -6.92 28.01
C ARG A 115 18.68 -6.76 29.44
N SER A 116 19.43 -7.76 29.91
CA SER A 116 19.94 -7.77 31.30
C SER A 116 21.12 -8.74 31.47
N PRO A 117 21.83 -8.65 32.63
CA PRO A 117 22.82 -9.68 32.98
C PRO A 117 22.27 -11.10 33.11
N LEU A 118 21.04 -11.23 33.61
CA LEU A 118 20.37 -12.53 33.70
C LEU A 118 20.14 -13.17 32.33
N LEU A 119 19.88 -12.35 31.31
CA LEU A 119 19.72 -12.83 29.93
C LEU A 119 21.03 -13.39 29.37
N VAL A 120 22.14 -12.72 29.66
CA VAL A 120 23.48 -13.18 29.25
C VAL A 120 23.81 -14.52 29.90
N ALA A 121 23.44 -14.67 31.18
CA ALA A 121 23.58 -15.94 31.89
C ALA A 121 22.68 -17.02 31.27
N ALA A 122 21.45 -16.63 30.93
CA ALA A 122 20.46 -17.54 30.35
C ALA A 122 20.88 -18.12 28.99
N VAL A 123 21.42 -17.27 28.11
CA VAL A 123 21.89 -17.75 26.79
C VAL A 123 23.07 -18.70 26.92
N LEU A 124 23.98 -18.42 27.85
CA LEU A 124 25.08 -19.35 28.17
C LEU A 124 24.55 -20.66 28.75
N GLY A 125 23.63 -20.55 29.71
CA GLY A 125 22.94 -21.71 30.27
C GLY A 125 22.19 -22.55 29.25
N THR A 126 21.57 -21.89 28.29
CA THR A 126 20.88 -22.56 27.19
C THR A 126 21.88 -23.33 26.30
N LEU A 127 22.98 -22.67 25.92
CA LEU A 127 24.03 -23.29 25.11
C LEU A 127 24.76 -24.43 25.85
N LYS A 128 24.98 -24.23 27.15
CA LYS A 128 25.57 -25.28 28.02
C LYS A 128 24.70 -26.53 28.17
N ALA A 129 23.39 -26.37 28.02
CA ALA A 129 22.45 -27.50 28.02
C ALA A 129 22.32 -28.21 26.66
N GLY A 130 23.13 -27.82 25.69
CA GLY A 130 23.05 -28.33 24.33
C GLY A 130 21.86 -27.82 23.54
N ALA A 131 21.26 -26.73 24.00
CA ALA A 131 20.04 -26.19 23.42
C ALA A 131 20.30 -24.95 22.59
N CYS A 132 19.26 -24.48 21.91
CA CYS A 132 19.31 -23.35 21.00
C CYS A 132 18.47 -22.19 21.56
N TYR A 133 19.10 -21.04 21.80
CA TYR A 133 18.41 -19.88 22.41
C TYR A 133 17.71 -19.01 21.37
N VAL A 134 16.48 -18.60 21.67
CA VAL A 134 15.66 -17.78 20.76
C VAL A 134 15.15 -16.55 21.50
N PRO A 135 15.82 -15.39 21.34
CA PRO A 135 15.33 -14.17 21.98
C PRO A 135 13.99 -13.71 21.40
N VAL A 136 13.10 -13.28 22.28
CA VAL A 136 11.79 -12.74 21.90
C VAL A 136 11.60 -11.45 22.68
N GLU A 137 11.27 -10.37 21.98
CA GLU A 137 11.12 -9.05 22.60
C GLU A 137 9.82 -9.02 23.41
N PRO A 138 9.91 -8.81 24.74
CA PRO A 138 8.70 -8.79 25.57
C PRO A 138 7.82 -7.54 25.41
N THR A 139 8.38 -6.47 24.84
CA THR A 139 7.59 -5.27 24.48
C THR A 139 6.82 -5.37 23.16
N TRP A 140 7.00 -6.46 22.40
CA TRP A 140 6.16 -6.74 21.22
C TRP A 140 4.70 -6.96 21.64
N PRO A 141 3.74 -6.74 20.71
CA PRO A 141 2.35 -7.10 21.01
C PRO A 141 2.18 -8.62 21.18
N ARG A 142 1.19 -9.02 21.97
CA ARG A 142 0.92 -10.43 22.24
C ARG A 142 0.57 -11.25 20.99
N ALA A 143 0.00 -10.59 19.98
CA ALA A 143 -0.26 -11.21 18.68
C ALA A 143 1.03 -11.69 18.01
N ARG A 144 2.05 -10.82 18.00
CA ARG A 144 3.35 -11.16 17.44
C ARG A 144 4.12 -12.17 18.30
N ILE A 145 4.06 -12.04 19.62
CA ILE A 145 4.72 -12.99 20.52
C ILE A 145 4.13 -14.40 20.37
N ASP A 146 2.80 -14.50 20.35
CA ASP A 146 2.11 -15.79 20.15
C ASP A 146 2.34 -16.38 18.75
N LEU A 147 2.53 -15.51 17.75
CA LEU A 147 2.84 -15.93 16.38
C LEU A 147 4.23 -16.59 16.27
N VAL A 148 5.23 -15.96 16.89
CA VAL A 148 6.60 -16.49 16.91
C VAL A 148 6.69 -17.80 17.69
N LEU A 149 6.10 -17.81 18.89
CA LEU A 149 6.06 -19.02 19.74
C LEU A 149 5.32 -20.19 19.11
N ALA A 150 4.29 -19.90 18.30
CA ALA A 150 3.54 -20.93 17.57
C ALA A 150 4.37 -21.52 16.43
N ASP A 151 5.02 -20.66 15.66
CA ASP A 151 5.92 -21.06 14.57
C ASP A 151 7.14 -21.83 15.09
N LEU A 152 7.73 -21.33 16.17
CA LEU A 152 8.87 -21.97 16.83
C LEU A 152 8.50 -23.28 17.54
N ASP A 153 7.29 -23.30 18.13
CA ASP A 153 6.85 -24.32 19.11
C ASP A 153 8.01 -24.90 19.94
N PRO A 154 8.57 -24.07 20.85
CA PRO A 154 9.78 -24.43 21.57
C PRO A 154 9.55 -25.47 22.66
N ALA A 155 10.65 -26.06 23.13
CA ALA A 155 10.63 -27.01 24.24
C ALA A 155 10.22 -26.33 25.54
N LEU A 156 10.72 -25.11 25.75
CA LEU A 156 10.45 -24.34 26.97
C LEU A 156 10.41 -22.84 26.67
N VAL A 157 9.70 -22.11 27.52
CA VAL A 157 9.52 -20.65 27.40
C VAL A 157 9.89 -19.97 28.72
N ILE A 158 11.10 -19.41 28.77
CA ILE A 158 11.57 -18.63 29.91
C ILE A 158 11.16 -17.17 29.71
N ASP A 159 10.84 -16.50 30.82
CA ASP A 159 10.50 -15.07 30.83
C ASP A 159 11.15 -14.39 32.05
N GLU A 160 10.70 -13.18 32.40
CA GLU A 160 11.20 -12.44 33.58
C GLU A 160 11.18 -13.21 34.91
N ARG A 161 10.24 -14.15 35.05
CA ARG A 161 10.12 -14.99 36.25
C ARG A 161 11.32 -15.89 36.59
N LEU A 162 12.27 -16.05 35.67
CA LEU A 162 13.55 -16.74 35.94
C LEU A 162 14.37 -16.08 37.07
N ALA A 163 14.25 -14.76 37.20
CA ALA A 163 14.89 -14.02 38.31
C ALA A 163 14.36 -14.46 39.68
N GLU A 164 13.05 -14.68 39.76
CA GLU A 164 12.40 -15.14 40.99
C GLU A 164 12.69 -16.59 41.37
N GLU A 165 13.12 -17.41 40.41
CA GLU A 165 13.46 -18.82 40.67
C GLU A 165 14.71 -18.92 41.55
N ASP A 166 14.70 -19.88 42.46
CA ASP A 166 15.79 -20.13 43.39
C ASP A 166 16.76 -21.14 42.76
N LEU A 167 17.93 -20.66 42.36
CA LEU A 167 18.95 -21.48 41.66
C LEU A 167 20.02 -22.06 42.59
N THR A 168 19.97 -21.72 43.88
CA THR A 168 20.99 -22.15 44.85
C THR A 168 21.03 -23.67 45.10
N GLY A 169 19.90 -24.34 44.89
CA GLY A 169 19.80 -25.79 45.04
C GLY A 169 20.63 -26.61 44.05
N TYR A 170 20.73 -26.13 42.81
CA TYR A 170 21.46 -26.83 41.74
C TYR A 170 22.99 -26.71 41.89
N PRO A 171 23.74 -27.71 41.40
CA PRO A 171 25.21 -27.65 41.46
C PRO A 171 25.82 -26.64 40.48
N THR A 172 27.07 -26.27 40.74
CA THR A 172 27.80 -25.26 39.94
C THR A 172 28.83 -25.87 38.95
N ARG A 173 28.81 -27.19 38.79
CA ARG A 173 29.73 -27.90 37.89
C ARG A 173 29.14 -27.95 36.47
N PRO A 174 29.93 -28.40 35.47
CA PRO A 174 29.38 -28.60 34.12
C PRO A 174 28.29 -29.68 34.04
N LEU A 175 27.37 -29.51 33.09
CA LEU A 175 26.29 -30.48 32.86
C LEU A 175 26.72 -31.66 31.98
N ASP A 176 27.84 -31.52 31.28
CA ASP A 176 28.41 -32.55 30.37
C ASP A 176 27.54 -32.74 29.12
N THR A 177 26.40 -33.42 29.27
CA THR A 177 25.44 -33.68 28.17
C THR A 177 26.03 -34.52 27.02
N ALA A 178 25.21 -34.76 26.00
CA ALA A 178 25.68 -35.30 24.72
C ALA A 178 26.56 -34.26 24.02
N ASP A 179 27.54 -34.75 23.26
CA ASP A 179 28.55 -33.88 22.63
C ASP A 179 27.94 -33.04 21.50
N VAL A 180 28.05 -31.73 21.64
CA VAL A 180 27.58 -30.77 20.64
C VAL A 180 28.73 -30.42 19.69
N GLY A 181 28.41 -30.24 18.41
CA GLY A 181 29.36 -29.87 17.37
C GLY A 181 29.05 -28.52 16.73
N GLY A 182 29.85 -28.17 15.74
CA GLY A 182 29.75 -26.88 15.06
C GLY A 182 28.46 -26.63 14.31
N GLU A 183 27.92 -27.69 13.69
CA GLU A 183 26.72 -27.58 12.85
C GLU A 183 25.40 -27.56 13.62
N HIS A 184 25.43 -27.83 14.92
CA HIS A 184 24.26 -27.68 15.80
C HIS A 184 23.91 -26.20 15.95
N LEU A 185 22.64 -25.91 16.17
CA LEU A 185 22.15 -24.54 16.24
C LEU A 185 22.52 -23.84 17.54
N ALA A 186 23.01 -22.61 17.41
CA ALA A 186 23.28 -21.71 18.53
C ALA A 186 22.04 -20.88 18.83
N TYR A 187 21.50 -20.23 17.78
CA TYR A 187 20.29 -19.41 17.94
C TYR A 187 19.41 -19.32 16.69
N LEU A 188 18.21 -18.79 16.92
CA LEU A 188 17.28 -18.38 15.86
C LEU A 188 16.95 -16.89 16.00
N MET A 189 16.89 -16.19 14.87
CA MET A 189 16.46 -14.78 14.85
C MET A 189 15.55 -14.50 13.66
N TYR A 190 14.52 -13.70 13.91
CA TYR A 190 13.44 -13.48 12.95
C TYR A 190 13.61 -12.18 12.19
N THR A 191 13.65 -12.31 10.86
CA THR A 191 13.62 -11.16 9.95
C THR A 191 12.21 -10.97 9.41
N SER A 192 11.98 -9.82 8.78
CA SER A 192 10.70 -9.50 8.16
C SER A 192 10.53 -10.33 6.88
N GLY A 193 9.34 -10.93 6.73
CA GLY A 193 9.03 -11.80 5.59
C GLY A 193 8.09 -11.14 4.59
N SER A 194 8.38 -11.31 3.30
CA SER A 194 7.62 -10.68 2.21
C SER A 194 6.17 -11.16 2.10
N THR A 195 5.92 -12.42 2.43
CA THR A 195 4.58 -13.01 2.35
C THR A 195 3.64 -12.39 3.39
N GLY A 196 4.09 -12.39 4.64
CA GLY A 196 3.30 -11.84 5.75
C GLY A 196 3.84 -12.27 7.09
N THR A 197 4.02 -13.59 7.26
CA THR A 197 4.57 -14.15 8.48
C THR A 197 6.09 -13.96 8.55
N PRO A 198 6.66 -13.87 9.77
CA PRO A 198 8.10 -13.72 9.92
C PRO A 198 8.83 -15.05 9.76
N LYS A 199 10.10 -14.97 9.37
CA LYS A 199 10.92 -16.13 9.05
C LYS A 199 12.16 -16.16 9.94
N GLY A 200 12.32 -17.25 10.70
CA GLY A 200 13.42 -17.41 11.65
C GLY A 200 14.66 -17.98 11.00
N VAL A 201 15.76 -17.23 11.07
CA VAL A 201 17.05 -17.67 10.52
C VAL A 201 17.75 -18.57 11.54
N GLU A 202 18.02 -19.81 11.15
CA GLU A 202 18.69 -20.79 12.01
C GLU A 202 20.22 -20.62 11.91
N VAL A 203 20.84 -20.24 13.02
CA VAL A 203 22.29 -19.95 13.06
C VAL A 203 23.01 -20.97 13.96
N SER A 204 24.15 -21.44 13.48
CA SER A 204 24.90 -22.54 14.09
C SER A 204 26.05 -22.02 14.95
N HIS A 205 26.71 -22.94 15.66
CA HIS A 205 27.85 -22.59 16.51
C HIS A 205 29.03 -22.10 15.68
N ARG A 206 29.37 -22.82 14.62
CA ARG A 206 30.51 -22.43 13.76
C ARG A 206 30.25 -21.16 12.95
N ASN A 207 28.98 -20.84 12.71
CA ASN A 207 28.60 -19.55 12.13
C ASN A 207 28.94 -18.40 13.07
N VAL A 208 28.60 -18.55 14.34
CA VAL A 208 28.95 -17.58 15.38
C VAL A 208 30.47 -17.49 15.57
N LEU A 209 31.14 -18.65 15.63
CA LEU A 209 32.61 -18.69 15.76
C LEU A 209 33.35 -18.15 14.54
N SER A 210 32.75 -18.27 13.35
CA SER A 210 33.29 -17.66 12.13
C SER A 210 33.35 -16.14 12.28
N LEU A 211 32.25 -15.57 12.75
CA LEU A 211 32.18 -14.14 13.07
C LEU A 211 33.08 -13.78 14.24
N ALA A 212 32.89 -14.49 15.35
CA ALA A 212 33.54 -14.17 16.62
C ALA A 212 35.05 -14.42 16.68
N LEU A 213 35.57 -15.36 15.88
CA LEU A 213 37.02 -15.65 15.87
C LEU A 213 37.73 -15.11 14.63
N ASP A 214 37.25 -13.99 14.10
CA ASP A 214 37.95 -13.23 13.07
C ASP A 214 39.22 -12.68 13.71
N PRO A 215 40.38 -12.72 13.01
CA PRO A 215 41.62 -12.18 13.59
C PRO A 215 41.59 -10.69 14.00
N CYS A 216 40.67 -9.91 13.43
CA CYS A 216 40.50 -8.49 13.80
C CYS A 216 40.13 -8.24 15.27
N TRP A 217 39.53 -9.22 15.94
CA TRP A 217 39.17 -9.11 17.36
C TRP A 217 40.30 -9.48 18.34
N ALA A 218 41.45 -9.92 17.84
CA ALA A 218 42.57 -10.40 18.68
C ALA A 218 43.44 -9.24 19.19
N ASP A 219 42.85 -8.38 20.01
CA ASP A 219 43.55 -7.26 20.64
C ASP A 219 42.72 -6.69 21.81
N ALA A 220 43.22 -5.64 22.44
CA ALA A 220 42.57 -5.04 23.62
C ALA A 220 41.43 -4.03 23.33
N ASP A 221 41.07 -3.83 22.07
CA ASP A 221 40.00 -2.87 21.71
C ASP A 221 38.64 -3.20 22.32
N HIS A 222 38.32 -4.48 22.46
CA HIS A 222 37.04 -4.94 23.02
C HIS A 222 37.17 -5.41 24.48
N GLN A 223 37.87 -4.61 25.28
CA GLN A 223 38.07 -4.90 26.70
C GLN A 223 36.80 -4.61 27.50
N ARG A 224 36.14 -3.51 27.15
CA ARG A 224 34.82 -3.16 27.71
C ARG A 224 33.89 -2.75 26.58
N VAL A 225 32.93 -3.64 26.26
CA VAL A 225 31.98 -3.45 25.16
C VAL A 225 30.60 -3.14 25.73
N LEU A 226 29.91 -2.17 25.11
CA LEU A 226 28.55 -1.82 25.47
C LEU A 226 27.57 -2.75 24.74
N VAL A 227 26.72 -3.41 25.51
CA VAL A 227 25.68 -4.30 24.99
C VAL A 227 24.35 -3.56 25.11
N HIS A 228 23.94 -2.90 24.03
CA HIS A 228 22.71 -2.09 24.00
C HIS A 228 21.67 -2.46 22.92
N ALA A 229 22.10 -3.11 21.85
CA ALA A 229 21.19 -3.53 20.78
C ALA A 229 20.18 -4.58 21.28
N PRO A 230 18.98 -4.63 20.67
CA PRO A 230 17.99 -5.62 21.13
C PRO A 230 18.44 -7.07 20.90
N PRO A 231 18.18 -7.97 21.87
CA PRO A 231 18.49 -9.41 21.73
C PRO A 231 17.98 -10.06 20.44
N THR A 232 16.82 -9.61 19.95
CA THR A 232 16.23 -10.11 18.70
C THR A 232 17.03 -9.73 17.45
N PHE A 233 17.70 -8.59 17.50
CA PHE A 233 18.58 -8.13 16.40
C PHE A 233 19.96 -8.76 16.56
N ASP A 234 20.58 -9.12 15.44
CA ASP A 234 21.80 -9.94 15.46
C ASP A 234 23.11 -9.21 15.75
N ALA A 235 23.07 -7.88 15.85
CA ALA A 235 24.19 -7.12 16.40
C ALA A 235 24.52 -7.56 17.84
N SER A 236 23.51 -8.05 18.56
CA SER A 236 23.67 -8.64 19.90
C SER A 236 24.64 -9.83 19.93
N THR A 237 24.69 -10.59 18.84
CA THR A 237 25.66 -11.68 18.66
C THR A 237 27.11 -11.17 18.68
N TYR A 238 27.35 -10.02 18.05
CA TYR A 238 28.65 -9.34 18.12
C TYR A 238 28.95 -8.80 19.53
N GLU A 239 27.96 -8.14 20.12
CA GLU A 239 28.11 -7.49 21.43
C GLU A 239 28.41 -8.45 22.58
N MET A 240 27.77 -9.62 22.56
CA MET A 240 27.98 -10.63 23.59
C MET A 240 29.28 -11.40 23.42
N TRP A 241 29.42 -12.07 22.27
CA TRP A 241 30.47 -13.09 22.09
C TRP A 241 31.88 -12.57 21.81
N VAL A 242 32.01 -11.41 21.17
CA VAL A 242 33.35 -10.85 20.91
C VAL A 242 34.10 -10.58 22.23
N PRO A 243 33.50 -9.85 23.19
CA PRO A 243 34.19 -9.71 24.47
C PRO A 243 34.26 -10.99 25.31
N LEU A 244 33.18 -11.76 25.36
CA LEU A 244 33.14 -13.01 26.15
C LEU A 244 34.09 -14.13 25.69
N LEU A 245 34.45 -14.14 24.41
CA LEU A 245 35.40 -15.12 23.87
C LEU A 245 36.87 -14.61 23.78
N HIS A 246 37.12 -13.39 24.23
CA HIS A 246 38.47 -12.78 24.22
C HIS A 246 38.93 -12.23 25.58
N GLY A 247 38.21 -12.60 26.64
CA GLY A 247 38.51 -12.10 27.99
C GLY A 247 38.06 -10.69 28.30
N GLY A 248 37.21 -10.12 27.45
CA GLY A 248 36.67 -8.77 27.64
C GLY A 248 35.48 -8.76 28.57
N ALA A 249 34.88 -7.58 28.71
CA ALA A 249 33.73 -7.36 29.59
C ALA A 249 32.51 -6.88 28.79
N ALA A 250 31.38 -7.53 29.03
CA ALA A 250 30.10 -7.12 28.44
C ALA A 250 29.38 -6.15 29.38
N VAL A 251 29.42 -4.87 29.04
CA VAL A 251 28.70 -3.83 29.80
C VAL A 251 27.26 -3.76 29.31
N VAL A 252 26.34 -4.32 30.08
CA VAL A 252 24.93 -4.44 29.68
C VAL A 252 24.21 -3.11 29.93
N ALA A 253 23.77 -2.48 28.86
CA ALA A 253 22.96 -1.25 28.93
C ALA A 253 21.55 -1.58 29.45
N PRO A 254 20.85 -0.58 30.03
CA PRO A 254 19.53 -0.86 30.60
C PRO A 254 18.44 -1.17 29.56
N PRO A 255 17.30 -1.74 30.00
CA PRO A 255 16.27 -2.19 29.06
C PRO A 255 15.59 -1.10 28.23
N GLY A 256 14.93 -1.52 27.16
CA GLY A 256 14.09 -0.65 26.36
C GLY A 256 14.83 0.21 25.37
N LYS A 257 14.15 1.27 24.90
CA LYS A 257 14.66 2.16 23.87
C LYS A 257 15.62 3.18 24.46
N LEU A 258 16.81 3.28 23.86
CA LEU A 258 17.86 4.20 24.32
C LEU A 258 18.16 5.22 23.23
N ASP A 259 17.84 6.49 23.51
CA ASP A 259 18.12 7.59 22.57
C ASP A 259 19.60 7.96 22.58
N ALA A 260 20.00 8.80 21.62
CA ALA A 260 21.40 9.21 21.43
C ALA A 260 22.06 9.78 22.67
N ALA A 261 21.32 10.59 23.43
CA ALA A 261 21.81 11.22 24.66
C ALA A 261 22.08 10.20 25.78
N ARG A 262 21.20 9.20 25.89
CA ARG A 262 21.32 8.18 26.92
C ARG A 262 22.47 7.19 26.67
N LEU A 263 22.72 6.88 25.39
CA LEU A 263 23.89 6.08 25.00
C LEU A 263 25.19 6.85 25.24
N ALA A 264 25.21 8.11 24.85
CA ALA A 264 26.35 9.02 25.07
C ALA A 264 26.79 9.12 26.54
N THR A 265 25.82 9.04 27.46
CA THR A 265 26.11 8.99 28.90
C THR A 265 26.82 7.69 29.26
N LEU A 266 26.19 6.57 28.90
CA LEU A 266 26.70 5.23 29.22
C LEU A 266 28.07 4.93 28.60
N ILE A 267 28.29 5.37 27.38
CA ILE A 267 29.58 5.19 26.70
C ILE A 267 30.72 5.83 27.49
N ALA A 268 30.52 7.08 27.92
CA ALA A 268 31.52 7.83 28.68
C ALA A 268 31.69 7.32 30.11
N GLU A 269 30.56 7.13 30.81
CA GLU A 269 30.59 6.80 32.24
C GLU A 269 30.99 5.35 32.56
N ARG A 270 30.63 4.40 31.69
CA ARG A 270 31.03 2.99 31.86
C ARG A 270 32.46 2.70 31.41
N GLY A 271 33.07 3.63 30.69
CA GLY A 271 34.43 3.47 30.18
C GLY A 271 34.47 2.47 29.04
N VAL A 272 33.57 2.66 28.08
CA VAL A 272 33.41 1.76 26.95
C VAL A 272 34.56 1.94 25.96
N THR A 273 35.17 0.81 25.59
CA THR A 273 36.28 0.78 24.63
C THR A 273 35.83 0.46 23.20
N ALA A 274 34.76 -0.32 23.06
CA ALA A 274 34.23 -0.72 21.74
C ALA A 274 32.71 -0.73 21.68
N LEU A 275 32.18 -0.53 20.47
CA LEU A 275 30.76 -0.24 20.26
C LEU A 275 30.22 -0.77 18.94
N TRP A 276 28.97 -1.20 18.97
CA TRP A 276 28.13 -1.27 17.79
C TRP A 276 27.20 -0.05 17.83
N LEU A 277 27.00 0.59 16.67
CA LEU A 277 26.01 1.66 16.54
C LEU A 277 25.34 1.61 15.16
N PRO A 278 23.99 1.62 15.10
CA PRO A 278 23.33 1.76 13.80
C PRO A 278 23.68 3.08 13.12
N ALA A 279 23.73 3.07 11.79
CA ALA A 279 24.16 4.24 10.99
C ALA A 279 23.36 5.52 11.27
N GLY A 280 22.06 5.38 11.44
CA GLY A 280 21.18 6.52 11.78
C GLY A 280 21.46 7.06 13.16
N LEU A 281 21.46 6.17 14.16
CA LEU A 281 21.75 6.55 15.55
C LEU A 281 23.22 6.94 15.78
N PHE A 282 24.11 6.46 14.92
CA PHE A 282 25.52 6.89 14.89
C PHE A 282 25.63 8.36 14.48
N ASP A 283 24.82 8.77 13.51
CA ASP A 283 24.81 10.14 12.98
C ASP A 283 24.33 11.18 14.01
N LEU A 284 23.29 10.83 14.78
CA LEU A 284 22.79 11.71 15.84
C LEU A 284 23.76 11.88 16.99
N ILE A 285 24.24 10.75 17.53
CA ILE A 285 25.16 10.76 18.68
C ILE A 285 26.51 11.44 18.35
N THR A 286 27.02 11.24 17.14
CA THR A 286 28.28 11.86 16.73
C THR A 286 28.15 13.36 16.42
N GLN A 287 26.93 13.81 16.09
CA GLN A 287 26.66 15.24 15.87
C GLN A 287 26.60 15.99 17.20
N HIS A 288 25.74 15.52 18.10
CA HIS A 288 25.45 16.20 19.37
C HIS A 288 26.42 15.88 20.52
N HIS A 289 26.96 14.66 20.53
CA HIS A 289 27.84 14.21 21.63
C HIS A 289 29.16 13.61 21.15
N PRO A 290 29.99 14.39 20.43
CA PRO A 290 31.30 13.90 19.98
C PRO A 290 32.33 13.73 21.12
N LYS A 291 32.11 14.39 22.26
CA LYS A 291 32.96 14.26 23.45
C LYS A 291 32.85 12.90 24.15
N SER A 292 31.78 12.14 23.89
CA SER A 292 31.58 10.82 24.49
C SER A 292 32.57 9.76 24.01
N PHE A 293 33.08 9.91 22.79
CA PHE A 293 33.97 8.93 22.15
C PHE A 293 35.48 9.15 22.39
N VAL A 294 35.85 9.72 23.54
CA VAL A 294 37.27 9.99 23.86
C VAL A 294 38.03 8.70 24.20
N GLN A 295 37.44 7.88 25.06
CA GLN A 295 38.04 6.59 25.45
C GLN A 295 37.69 5.39 24.54
N VAL A 296 36.92 5.64 23.49
CA VAL A 296 36.51 4.59 22.55
C VAL A 296 37.63 4.35 21.53
N ARG A 297 37.97 3.08 21.33
CA ARG A 297 39.03 2.66 20.40
C ARG A 297 38.48 2.20 19.05
N GLU A 298 37.41 1.40 19.08
CA GLU A 298 36.74 0.92 17.85
C GLU A 298 35.23 1.14 17.94
N VAL A 299 34.65 1.66 16.86
CA VAL A 299 33.20 1.75 16.70
C VAL A 299 32.82 1.07 15.38
N TRP A 300 32.02 0.02 15.48
CA TRP A 300 31.48 -0.66 14.30
C TRP A 300 30.10 -0.08 14.00
N ALA A 301 30.00 0.59 12.86
CA ALA A 301 28.78 1.30 12.47
C ALA A 301 28.26 0.77 11.14
N GLY A 302 26.97 0.45 11.10
CA GLY A 302 26.36 -0.10 9.89
C GLY A 302 24.86 -0.24 10.02
N GLY A 303 24.30 -1.22 9.31
CA GLY A 303 22.86 -1.43 9.24
C GLY A 303 22.29 -0.80 7.98
N ASP A 304 22.47 0.50 7.85
CA ASP A 304 22.08 1.25 6.66
C ASP A 304 23.34 1.85 6.05
N VAL A 305 23.19 2.65 4.99
CA VAL A 305 24.33 3.40 4.43
C VAL A 305 24.86 4.40 5.47
N LEU A 306 26.18 4.40 5.63
CA LEU A 306 26.84 5.16 6.70
C LEU A 306 27.25 6.53 6.18
N SER A 307 26.94 7.57 6.96
CA SER A 307 27.23 8.96 6.58
C SER A 307 28.74 9.23 6.64
N PRO A 308 29.35 9.66 5.51
CA PRO A 308 30.78 10.00 5.56
C PRO A 308 31.12 11.19 6.45
N ALA A 309 30.27 12.22 6.42
CA ALA A 309 30.40 13.39 7.31
C ALA A 309 30.36 13.02 8.79
N ALA A 310 29.51 12.05 9.14
CA ALA A 310 29.39 11.53 10.50
C ALA A 310 30.68 10.89 11.02
N VAL A 311 31.38 10.19 10.13
CA VAL A 311 32.64 9.52 10.49
C VAL A 311 33.76 10.54 10.69
N ARG A 312 33.83 11.54 9.81
CA ARG A 312 34.86 12.60 9.88
C ARG A 312 34.87 13.39 11.19
N ARG A 313 33.74 13.44 11.88
CA ARG A 313 33.64 14.04 13.22
C ARG A 313 34.50 13.32 14.27
N LEU A 314 34.60 12.00 14.18
CA LEU A 314 35.32 11.17 15.17
C LEU A 314 36.78 10.88 14.79
N VAL A 315 37.00 10.50 13.54
CA VAL A 315 38.33 10.03 13.10
C VAL A 315 39.32 11.19 12.93
N ARG A 316 40.55 10.96 13.39
CA ARG A 316 41.63 11.96 13.33
C ARG A 316 42.92 11.33 12.79
N ASP A 317 43.91 12.17 12.51
CA ASP A 317 45.19 11.74 11.95
C ASP A 317 46.05 10.86 12.86
N ASP A 318 45.87 11.00 14.17
CA ASP A 318 46.54 10.13 15.16
C ASP A 318 45.98 8.69 15.13
N GLY A 319 44.67 8.55 14.88
CA GLY A 319 44.03 7.25 14.72
C GLY A 319 43.91 6.43 16.00
N THR A 320 43.55 7.09 17.09
CA THR A 320 43.26 6.41 18.36
C THR A 320 41.87 5.76 18.33
N LEU A 321 40.91 6.47 17.74
CA LEU A 321 39.59 5.92 17.44
C LEU A 321 39.53 5.49 15.96
N THR A 322 39.10 4.25 15.74
CA THR A 322 38.84 3.72 14.40
C THR A 322 37.35 3.46 14.26
N VAL A 323 36.78 3.85 13.13
CA VAL A 323 35.38 3.57 12.79
C VAL A 323 35.38 2.50 11.70
N VAL A 324 34.57 1.46 11.88
CA VAL A 324 34.46 0.36 10.92
C VAL A 324 33.05 0.35 10.34
N ASN A 325 32.96 0.41 9.01
CA ASN A 325 31.68 0.31 8.31
C ASN A 325 31.33 -1.17 8.11
N GLY A 326 30.47 -1.69 8.99
CA GLY A 326 30.10 -3.10 9.00
C GLY A 326 28.87 -3.43 8.16
N TYR A 327 29.07 -4.18 7.09
CA TYR A 327 27.98 -4.70 6.25
C TYR A 327 27.72 -6.18 6.56
N GLY A 328 26.46 -6.59 6.45
CA GLY A 328 26.09 -8.00 6.47
C GLY A 328 24.62 -8.23 6.78
N PRO A 329 23.96 -9.15 6.05
CA PRO A 329 22.60 -9.55 6.44
C PRO A 329 22.60 -10.56 7.60
N THR A 330 21.43 -10.79 8.17
CA THR A 330 21.22 -11.74 9.28
C THR A 330 21.59 -13.18 8.87
N GLU A 331 21.36 -13.51 7.61
CA GLU A 331 21.60 -14.85 7.07
C GLU A 331 23.08 -15.22 6.91
N THR A 332 23.98 -14.24 7.01
CA THR A 332 25.43 -14.46 6.99
C THR A 332 26.12 -14.16 8.32
N THR A 333 25.34 -14.09 9.40
CA THR A 333 25.83 -13.88 10.77
C THR A 333 26.53 -12.52 10.98
N THR A 334 25.69 -11.51 11.20
CA THR A 334 26.08 -10.12 11.55
C THR A 334 26.93 -9.41 10.49
N PHE A 335 28.22 -9.74 10.42
CA PHE A 335 29.16 -9.05 9.53
C PHE A 335 29.69 -9.96 8.41
N ALA A 336 29.47 -9.54 7.17
CA ALA A 336 30.01 -10.19 5.96
C ALA A 336 31.16 -9.40 5.35
N ALA A 337 31.08 -8.08 5.41
CA ALA A 337 32.15 -7.19 4.91
C ALA A 337 32.44 -6.06 5.91
N ARG A 338 33.63 -5.48 5.78
CA ARG A 338 34.08 -4.37 6.64
C ARG A 338 34.99 -3.40 5.91
N TYR A 339 34.88 -2.12 6.29
CA TYR A 339 35.75 -1.05 5.76
C TYR A 339 36.19 -0.18 6.94
N ARG A 340 37.50 -0.22 7.23
CA ARG A 340 38.07 0.48 8.38
C ARG A 340 38.43 1.93 8.05
N MET A 341 37.94 2.87 8.86
CA MET A 341 38.34 4.28 8.81
C MET A 341 39.27 4.57 9.99
N SER A 342 40.57 4.54 9.72
CA SER A 342 41.59 4.87 10.71
C SER A 342 41.91 6.38 10.69
N ALA A 343 42.14 6.90 9.49
CA ALA A 343 42.41 8.33 9.24
C ALA A 343 41.24 8.97 8.46
N PRO A 344 41.12 10.32 8.50
CA PRO A 344 40.03 10.98 7.75
C PRO A 344 40.16 10.96 6.23
N ALA A 345 41.36 10.69 5.72
CA ALA A 345 41.58 10.52 4.27
C ALA A 345 40.81 9.34 3.66
N ARG A 346 40.55 8.32 4.47
CA ARG A 346 39.78 7.14 4.03
C ARG A 346 38.28 7.38 3.82
N CYS A 347 37.72 8.43 4.44
CA CYS A 347 36.30 8.74 4.33
C CYS A 347 35.96 9.37 2.98
N LYS A 348 35.44 8.54 2.07
CA LYS A 348 35.03 9.00 0.74
C LYS A 348 33.53 9.29 0.73
N ASP A 349 33.09 10.05 -0.27
CA ASP A 349 31.66 10.35 -0.47
C ASP A 349 30.81 9.12 -0.85
N PRO A 350 31.43 8.07 -1.44
CA PRO A 350 30.79 6.76 -1.68
C PRO A 350 30.67 5.79 -0.48
N LEU A 351 31.58 5.92 0.50
CA LEU A 351 31.56 5.12 1.76
C LEU A 351 31.52 3.57 1.61
N PRO A 352 32.54 3.00 0.95
CA PRO A 352 32.52 1.60 0.53
C PRO A 352 32.35 0.61 1.70
N ILE A 353 31.56 -0.43 1.49
CA ILE A 353 31.40 -1.52 2.47
C ILE A 353 32.65 -2.40 2.61
N GLY A 354 33.57 -2.28 1.64
CA GLY A 354 34.97 -2.66 1.83
C GLY A 354 35.37 -4.04 1.38
N GLU A 355 36.06 -4.76 2.28
CA GLU A 355 36.65 -6.07 1.99
C GLU A 355 35.95 -7.13 2.85
N PRO A 356 36.08 -8.42 2.50
CA PRO A 356 35.38 -9.44 3.29
C PRO A 356 35.95 -9.67 4.68
N MET A 357 35.11 -10.22 5.56
CA MET A 357 35.56 -10.74 6.86
C MET A 357 36.34 -12.04 6.60
N ALA A 358 37.02 -12.54 7.63
CA ALA A 358 37.90 -13.71 7.49
C ALA A 358 37.16 -14.93 6.98
N GLY A 359 36.05 -15.26 7.64
CA GLY A 359 35.21 -16.39 7.24
C GLY A 359 34.35 -16.20 6.01
N SER A 360 34.12 -14.93 5.62
CA SER A 360 33.25 -14.59 4.49
C SER A 360 33.93 -14.70 3.13
N ARG A 361 33.11 -14.81 2.09
CA ARG A 361 33.53 -14.79 0.70
C ARG A 361 32.48 -14.01 -0.10
N LEU A 362 32.89 -12.92 -0.74
CA LEU A 362 31.98 -12.00 -1.42
C LEU A 362 32.04 -12.15 -2.94
N TYR A 363 30.90 -12.47 -3.54
CA TYR A 363 30.80 -12.61 -5.00
C TYR A 363 29.83 -11.58 -5.59
N ALA A 364 30.35 -10.70 -6.46
CA ALA A 364 29.53 -9.77 -7.23
C ALA A 364 29.18 -10.44 -8.56
N LEU A 365 27.94 -10.91 -8.68
CA LEU A 365 27.50 -11.73 -9.83
C LEU A 365 26.43 -11.05 -10.68
N ASP A 366 26.47 -11.35 -11.98
CA ASP A 366 25.49 -10.84 -12.95
C ASP A 366 24.24 -11.74 -13.00
N ASP A 367 23.31 -11.42 -13.89
CA ASP A 367 22.06 -12.19 -14.07
C ASP A 367 22.23 -13.66 -14.53
N ARG A 368 23.43 -14.03 -14.99
CA ARG A 368 23.76 -15.42 -15.36
C ARG A 368 24.73 -16.15 -14.40
N LEU A 369 24.83 -15.65 -13.16
CA LEU A 369 25.66 -16.25 -12.10
C LEU A 369 27.15 -16.41 -12.44
N ARG A 370 27.69 -15.45 -13.19
CA ARG A 370 29.12 -15.37 -13.51
C ARG A 370 29.69 -14.14 -12.83
N GLN A 371 30.97 -14.21 -12.45
CA GLN A 371 31.62 -13.11 -11.75
C GLN A 371 31.75 -11.88 -12.65
N VAL A 372 31.38 -10.73 -12.10
CA VAL A 372 31.34 -9.47 -12.84
C VAL A 372 32.75 -8.87 -12.85
N PRO A 373 33.18 -8.28 -13.98
CA PRO A 373 34.50 -7.61 -13.98
C PRO A 373 34.55 -6.32 -13.15
N GLN A 374 35.75 -5.76 -13.04
CA GLN A 374 35.99 -4.59 -12.19
C GLN A 374 35.21 -3.36 -12.66
N GLY A 375 34.64 -2.64 -11.71
CA GLY A 375 33.90 -1.40 -11.99
C GLY A 375 32.54 -1.57 -12.66
N VAL A 376 31.99 -2.78 -12.60
CA VAL A 376 30.70 -3.10 -13.21
C VAL A 376 29.75 -3.61 -12.13
N ILE A 377 28.48 -3.22 -12.25
CA ILE A 377 27.48 -3.50 -11.23
C ILE A 377 27.01 -4.95 -11.31
N GLY A 378 26.83 -5.57 -10.14
CA GLY A 378 26.27 -6.91 -10.00
C GLY A 378 25.56 -7.08 -8.68
N GLU A 379 24.85 -8.20 -8.54
CA GLU A 379 24.16 -8.56 -7.30
C GLU A 379 25.12 -9.31 -6.39
N LEU A 380 25.09 -9.00 -5.09
CA LEU A 380 26.02 -9.59 -4.12
C LEU A 380 25.51 -10.95 -3.62
N TYR A 381 26.40 -11.94 -3.68
CA TYR A 381 26.18 -13.24 -3.07
C TYR A 381 27.31 -13.51 -2.07
N VAL A 382 26.94 -13.96 -0.87
CA VAL A 382 27.90 -14.15 0.24
C VAL A 382 28.10 -15.64 0.51
N GLY A 383 29.29 -16.14 0.16
CA GLY A 383 29.70 -17.49 0.51
C GLY A 383 30.48 -17.52 1.81
N GLY A 384 30.96 -18.71 2.17
CA GLY A 384 31.85 -18.89 3.33
C GLY A 384 31.18 -19.52 4.54
N ASP A 385 31.93 -19.60 5.64
CA ASP A 385 31.49 -20.28 6.87
C ASP A 385 30.56 -19.46 7.78
N GLY A 386 30.23 -18.24 7.39
CA GLY A 386 29.20 -17.43 8.07
C GLY A 386 27.77 -17.67 7.63
N VAL A 387 27.59 -18.37 6.51
CA VAL A 387 26.27 -18.59 5.91
C VAL A 387 25.42 -19.51 6.79
N ALA A 388 24.20 -19.06 7.09
CA ALA A 388 23.30 -19.76 8.01
C ALA A 388 22.78 -21.09 7.44
N ARG A 389 22.14 -21.87 8.31
CA ARG A 389 21.53 -23.14 7.92
C ARG A 389 20.31 -22.93 7.01
N GLY A 390 19.54 -21.89 7.29
CA GLY A 390 18.37 -21.57 6.48
C GLY A 390 17.25 -20.98 7.32
N TYR A 391 16.08 -20.90 6.70
CA TYR A 391 14.88 -20.40 7.37
C TYR A 391 14.14 -21.54 8.05
N ALA A 392 13.68 -21.30 9.27
CA ALA A 392 12.98 -22.32 10.06
C ALA A 392 11.59 -22.59 9.50
N ASN A 393 11.32 -23.86 9.20
CA ASN A 393 10.02 -24.33 8.67
C ASN A 393 9.64 -23.77 7.29
N HIS A 394 10.63 -23.36 6.50
CA HIS A 394 10.42 -22.87 5.12
C HIS A 394 11.50 -23.44 4.19
N PRO A 395 11.43 -24.75 3.85
CA PRO A 395 12.42 -25.35 2.96
C PRO A 395 12.50 -24.78 1.52
N PRO A 396 11.35 -24.52 0.87
CA PRO A 396 11.43 -23.92 -0.48
C PRO A 396 12.05 -22.52 -0.51
N LEU A 397 11.75 -21.70 0.49
CA LEU A 397 12.34 -20.36 0.61
C LEU A 397 13.84 -20.42 0.91
N THR A 398 14.26 -21.44 1.66
CA THR A 398 15.67 -21.70 1.92
C THR A 398 16.39 -22.10 0.64
N SER A 399 15.82 -23.06 -0.09
CA SER A 399 16.37 -23.50 -1.39
C SER A 399 16.41 -22.37 -2.44
N GLU A 400 15.47 -21.43 -2.32
CA GLU A 400 15.43 -20.23 -3.16
C GLU A 400 16.58 -19.26 -2.83
N ARG A 401 16.81 -18.98 -1.55
CA ARG A 401 17.75 -17.93 -1.09
C ARG A 401 19.15 -18.44 -0.74
N PHE A 402 19.22 -19.58 -0.05
CA PHE A 402 20.48 -20.25 0.28
C PHE A 402 20.83 -21.25 -0.82
N VAL A 403 21.55 -20.78 -1.84
CA VAL A 403 21.78 -21.54 -3.08
C VAL A 403 23.19 -22.13 -3.14
N ALA A 404 23.40 -23.01 -4.11
CA ALA A 404 24.67 -23.71 -4.31
C ALA A 404 25.80 -22.75 -4.73
N ASP A 405 26.96 -22.89 -4.09
CA ASP A 405 28.12 -22.00 -4.33
C ASP A 405 29.03 -22.63 -5.39
N PRO A 406 29.17 -21.97 -6.57
CA PRO A 406 30.12 -22.48 -7.57
C PRO A 406 31.60 -22.11 -7.33
N PHE A 407 31.88 -21.21 -6.40
CA PHE A 407 33.25 -20.70 -6.16
C PHE A 407 33.94 -21.22 -4.90
N GLY A 408 33.16 -21.73 -3.94
CA GLY A 408 33.68 -22.15 -2.63
C GLY A 408 33.97 -23.64 -2.58
N ARG A 409 33.82 -24.22 -1.39
CA ARG A 409 34.00 -25.67 -1.21
C ARG A 409 32.82 -26.43 -1.85
N PRO A 410 33.04 -27.70 -2.25
CA PRO A 410 32.00 -28.48 -2.96
C PRO A 410 30.60 -28.43 -2.32
N GLY A 411 30.48 -28.90 -1.09
CA GLY A 411 29.18 -28.95 -0.41
C GLY A 411 28.56 -27.59 -0.10
N GLU A 412 29.41 -26.60 0.19
CA GLU A 412 29.01 -25.29 0.74
C GLU A 412 27.98 -24.52 -0.11
N ARG A 413 27.29 -23.60 0.58
CA ARG A 413 26.21 -22.80 0.01
C ARG A 413 26.50 -21.31 0.07
N MET A 414 25.70 -20.56 -0.67
CA MET A 414 25.92 -19.17 -1.00
C MET A 414 24.60 -18.42 -0.79
N TYR A 415 24.59 -17.40 0.07
CA TYR A 415 23.36 -16.64 0.34
C TYR A 415 23.17 -15.50 -0.66
N ARG A 416 21.96 -15.41 -1.21
CA ARG A 416 21.57 -14.35 -2.14
C ARG A 416 21.03 -13.14 -1.37
N THR A 417 21.84 -12.09 -1.29
CA THR A 417 21.48 -10.89 -0.49
C THR A 417 20.40 -10.03 -1.13
N GLY A 418 20.51 -9.84 -2.44
CA GLY A 418 19.65 -8.90 -3.17
C GLY A 418 20.13 -7.46 -3.06
N ASP A 419 21.43 -7.29 -2.76
CA ASP A 419 22.07 -5.98 -2.70
C ASP A 419 22.94 -5.77 -3.94
N LEU A 420 22.83 -4.60 -4.55
CA LEU A 420 23.64 -4.24 -5.72
C LEU A 420 25.01 -3.73 -5.27
N VAL A 421 26.07 -4.27 -5.88
CA VAL A 421 27.45 -3.92 -5.49
C VAL A 421 28.37 -3.78 -6.71
N ARG A 422 29.58 -3.27 -6.45
CA ARG A 422 30.57 -3.02 -7.49
C ARG A 422 31.97 -2.95 -6.86
N TRP A 423 32.95 -3.56 -7.52
CA TRP A 423 34.35 -3.45 -7.12
C TRP A 423 34.94 -2.19 -7.75
N ASN A 424 35.41 -1.27 -6.93
CA ASN A 424 35.95 0.02 -7.41
C ASN A 424 37.41 -0.10 -7.91
N HIS A 425 37.97 1.03 -8.35
CA HIS A 425 39.37 1.09 -8.81
C HIS A 425 40.39 0.63 -7.76
N ASP A 426 40.14 0.97 -6.50
CA ASP A 426 41.02 0.60 -5.38
C ASP A 426 40.90 -0.87 -4.92
N GLY A 427 39.84 -1.56 -5.36
CA GLY A 427 39.61 -2.97 -5.03
C GLY A 427 38.71 -3.22 -3.83
N GLN A 428 38.03 -2.16 -3.38
CA GLN A 428 37.07 -2.24 -2.26
C GLN A 428 35.65 -2.32 -2.79
N LEU A 429 34.81 -3.13 -2.13
CA LEU A 429 33.41 -3.32 -2.52
C LEU A 429 32.56 -2.12 -2.12
N GLU A 430 31.78 -1.60 -3.07
CA GLU A 430 30.85 -0.49 -2.85
C GLU A 430 29.40 -0.98 -2.81
N PHE A 431 28.57 -0.29 -2.02
CA PHE A 431 27.13 -0.56 -1.92
C PHE A 431 26.36 0.42 -2.80
N LEU A 432 25.50 -0.09 -3.68
CA LEU A 432 24.80 0.72 -4.68
C LEU A 432 23.29 0.46 -4.67
N GLY A 433 22.71 0.47 -3.47
CA GLY A 433 21.27 0.30 -3.30
C GLY A 433 20.81 -1.15 -3.25
N ARG A 434 19.61 -1.38 -3.77
CA ARG A 434 18.84 -2.60 -3.50
C ARG A 434 18.04 -3.00 -4.74
N VAL A 435 17.93 -4.30 -4.98
CA VAL A 435 17.22 -4.84 -6.16
C VAL A 435 15.71 -4.78 -5.95
N ASP A 436 15.26 -5.41 -4.87
CA ASP A 436 13.82 -5.53 -4.55
C ASP A 436 13.34 -4.34 -3.70
N GLU A 437 12.10 -4.41 -3.21
CA GLU A 437 11.45 -3.33 -2.45
C GLU A 437 11.77 -3.27 -0.94
N GLN A 438 12.74 -4.07 -0.47
CA GLN A 438 13.19 -4.05 0.92
C GLN A 438 13.82 -2.71 1.27
N VAL A 439 13.65 -2.28 2.52
CA VAL A 439 14.12 -0.97 2.98
C VAL A 439 14.31 -1.01 4.50
N LYS A 440 15.20 -0.15 5.00
CA LYS A 440 15.47 -0.04 6.44
C LYS A 440 14.95 1.26 7.07
N ILE A 441 14.21 1.11 8.18
CA ILE A 441 13.54 2.20 8.86
C ILE A 441 13.94 2.17 10.34
N ARG A 442 14.64 3.22 10.77
CA ARG A 442 15.14 3.37 12.15
C ARG A 442 15.98 2.16 12.60
N GLY A 443 16.83 1.68 11.68
CA GLY A 443 17.68 0.52 11.92
C GLY A 443 17.09 -0.83 11.53
N PHE A 444 15.77 -0.97 11.59
CA PHE A 444 15.09 -2.26 11.39
C PHE A 444 14.89 -2.59 9.92
N ARG A 445 15.07 -3.87 9.59
CA ARG A 445 14.84 -4.39 8.25
C ARG A 445 13.35 -4.61 8.03
N VAL A 446 12.78 -3.89 7.06
CA VAL A 446 11.35 -3.92 6.78
C VAL A 446 11.10 -4.39 5.35
N GLU A 447 10.21 -5.37 5.23
CA GLU A 447 9.71 -5.86 3.95
C GLU A 447 8.27 -5.32 3.82
N PRO A 448 8.03 -4.38 2.87
CA PRO A 448 6.69 -3.79 2.67
C PRO A 448 5.53 -4.77 2.53
N GLY A 449 5.78 -5.94 1.94
CA GLY A 449 4.78 -7.01 1.84
C GLY A 449 4.22 -7.52 3.16
N GLU A 450 5.02 -7.45 4.22
CA GLU A 450 4.55 -7.75 5.58
C GLU A 450 3.47 -6.76 6.04
N ILE A 451 3.63 -5.50 5.64
CA ILE A 451 2.66 -4.44 5.96
C ILE A 451 1.42 -4.60 5.10
N ARG A 452 1.62 -4.76 3.79
CA ARG A 452 0.53 -4.98 2.82
C ARG A 452 -0.40 -6.13 3.21
N ALA A 453 0.19 -7.25 3.61
CA ALA A 453 -0.55 -8.45 4.03
C ALA A 453 -1.44 -8.21 5.25
N ALA A 454 -0.90 -7.50 6.24
CA ALA A 454 -1.65 -7.14 7.46
C ALA A 454 -2.80 -6.17 7.18
N LEU A 455 -2.56 -5.22 6.27
CA LEU A 455 -3.60 -4.28 5.83
C LEU A 455 -4.66 -4.98 4.99
N ARG A 456 -4.23 -5.80 4.04
CA ARG A 456 -5.14 -6.46 3.07
C ARG A 456 -6.20 -7.38 3.71
N LYS A 457 -5.88 -7.98 4.85
CA LYS A 457 -6.80 -8.89 5.55
C LYS A 457 -7.82 -8.22 6.51
N ARG A 458 -7.85 -6.88 6.55
CA ARG A 458 -8.86 -6.14 7.31
C ARG A 458 -10.13 -6.00 6.47
N ASP A 459 -11.21 -5.55 7.11
CA ASP A 459 -12.55 -5.55 6.49
C ASP A 459 -12.67 -4.59 5.30
N GLY A 460 -12.63 -3.29 5.56
CA GLY A 460 -12.88 -2.27 4.54
C GLY A 460 -11.66 -1.87 3.74
N VAL A 461 -11.04 -2.83 3.06
CA VAL A 461 -9.82 -2.60 2.27
C VAL A 461 -9.56 -3.76 1.30
N ALA A 462 -9.35 -3.41 0.03
CA ALA A 462 -9.15 -4.39 -1.05
C ALA A 462 -7.67 -4.55 -1.40
N GLN A 463 -7.03 -3.42 -1.73
CA GLN A 463 -5.62 -3.40 -2.14
C GLN A 463 -4.83 -2.47 -1.22
N ALA A 464 -3.50 -2.54 -1.35
CA ALA A 464 -2.60 -1.70 -0.58
C ALA A 464 -1.21 -1.65 -1.21
N VAL A 465 -0.56 -0.49 -1.10
CA VAL A 465 0.85 -0.32 -1.46
C VAL A 465 1.55 0.49 -0.36
N VAL A 466 2.75 0.05 0.00
CA VAL A 466 3.52 0.64 1.09
C VAL A 466 4.89 1.04 0.55
N VAL A 467 5.25 2.31 0.72
CA VAL A 467 6.51 2.86 0.21
C VAL A 467 7.19 3.74 1.26
N PRO A 468 8.53 3.88 1.17
CA PRO A 468 9.24 4.81 2.03
C PRO A 468 9.17 6.25 1.51
N ARG A 469 9.19 7.21 2.42
CA ARG A 469 9.35 8.62 2.06
C ARG A 469 10.35 9.31 3.00
N THR A 470 11.19 10.16 2.43
CA THR A 470 12.13 10.97 3.18
C THR A 470 11.44 12.28 3.56
N ASP A 471 11.26 12.52 4.86
CA ASP A 471 10.61 13.75 5.34
C ASP A 471 11.53 14.98 5.23
N ARG A 472 10.96 16.15 5.49
CA ARG A 472 11.69 17.43 5.50
C ARG A 472 12.88 17.48 6.48
N LEU A 473 12.77 16.77 7.59
CA LEU A 473 13.86 16.67 8.59
C LEU A 473 15.04 15.84 8.05
N GLY A 474 14.73 14.72 7.40
CA GLY A 474 15.74 13.83 6.81
C GLY A 474 15.52 12.35 7.08
N GLU A 475 14.80 12.03 8.15
CA GLU A 475 14.57 10.64 8.57
C GLU A 475 13.56 9.91 7.67
N ARG A 476 13.88 8.67 7.33
CA ARG A 476 13.03 7.84 6.47
C ARG A 476 11.88 7.23 7.28
N ARG A 477 10.70 7.17 6.68
CA ARG A 477 9.54 6.49 7.28
C ARG A 477 8.55 6.00 6.22
N LEU A 478 7.63 5.16 6.67
CA LEU A 478 6.67 4.48 5.79
C LEU A 478 5.36 5.23 5.62
N VAL A 479 4.79 5.13 4.43
CA VAL A 479 3.41 5.56 4.15
C VAL A 479 2.67 4.46 3.37
N ALA A 480 1.48 4.12 3.85
CA ALA A 480 0.65 3.07 3.24
C ALA A 480 -0.54 3.69 2.51
N TYR A 481 -0.57 3.53 1.19
CA TYR A 481 -1.73 3.91 0.37
C TYR A 481 -2.66 2.70 0.24
N VAL A 482 -3.92 2.87 0.60
CA VAL A 482 -4.92 1.79 0.59
C VAL A 482 -6.19 2.21 -0.14
N VAL A 483 -6.83 1.25 -0.83
CA VAL A 483 -8.13 1.48 -1.49
C VAL A 483 -9.21 0.66 -0.78
N PRO A 484 -10.40 1.27 -0.54
CA PRO A 484 -11.43 0.58 0.24
C PRO A 484 -12.19 -0.48 -0.56
N GLU A 485 -12.78 -1.44 0.16
CA GLU A 485 -13.51 -2.54 -0.44
C GLU A 485 -14.93 -2.07 -0.78
N VAL A 486 -15.39 -2.44 -1.98
CA VAL A 486 -16.67 -1.95 -2.54
C VAL A 486 -17.65 -3.13 -2.70
N PRO A 487 -18.43 -3.43 -1.64
CA PRO A 487 -19.39 -4.54 -1.73
C PRO A 487 -20.63 -4.20 -2.55
N ALA A 488 -21.10 -5.16 -3.36
CA ALA A 488 -22.30 -4.99 -4.17
C ALA A 488 -23.55 -5.17 -3.29
N GLY A 489 -24.54 -4.31 -3.52
CA GLY A 489 -25.83 -4.39 -2.82
C GLY A 489 -25.86 -3.65 -1.48
N ALA A 490 -25.20 -2.50 -1.42
CA ALA A 490 -25.25 -1.56 -0.27
C ALA A 490 -24.61 -2.08 1.02
N ASP A 491 -24.52 -1.19 2.01
CA ASP A 491 -24.00 -1.49 3.35
C ASP A 491 -25.03 -1.07 4.41
N GLU A 492 -24.72 -1.32 5.68
CA GLU A 492 -25.52 -0.84 6.82
C GLU A 492 -25.64 0.70 6.87
N ASP A 493 -24.60 1.39 6.41
CA ASP A 493 -24.59 2.87 6.34
C ASP A 493 -25.42 3.47 5.19
N SER A 494 -25.93 2.64 4.29
CA SER A 494 -26.76 3.09 3.16
C SER A 494 -28.07 3.73 3.62
N THR A 495 -28.78 3.06 4.52
CA THR A 495 -30.02 3.59 5.10
C THR A 495 -29.80 4.83 5.98
N GLU A 496 -28.68 4.86 6.70
CA GLU A 496 -28.27 6.03 7.50
C GLU A 496 -27.90 7.23 6.64
N HIS A 497 -27.36 6.96 5.44
CA HIS A 497 -27.02 8.02 4.47
C HIS A 497 -28.27 8.70 3.91
N VAL A 498 -29.32 7.91 3.65
CA VAL A 498 -30.61 8.42 3.18
C VAL A 498 -31.31 9.26 4.26
N GLU A 499 -31.24 8.79 5.51
CA GLU A 499 -31.88 9.49 6.64
C GLU A 499 -31.24 10.85 6.96
N LYS A 500 -29.93 10.97 6.73
CA LYS A 500 -29.23 12.25 6.87
C LYS A 500 -29.70 13.26 5.82
N TRP A 501 -29.84 12.80 4.58
CA TRP A 501 -30.41 13.62 3.49
C TRP A 501 -31.85 14.06 3.78
N ARG A 502 -32.65 13.14 4.32
CA ARG A 502 -34.03 13.44 4.71
C ARG A 502 -34.09 14.50 5.81
N ALA A 503 -33.26 14.32 6.84
CA ALA A 503 -33.14 15.27 7.94
C ALA A 503 -32.69 16.66 7.48
N ILE A 504 -31.77 16.70 6.52
CA ILE A 504 -31.33 17.96 5.90
C ILE A 504 -32.47 18.63 5.15
N TYR A 505 -33.17 17.86 4.30
CA TYR A 505 -34.27 18.38 3.48
C TYR A 505 -35.51 18.77 4.29
N ASP A 506 -35.83 18.00 5.34
CA ASP A 506 -36.91 18.35 6.25
C ASP A 506 -36.67 19.72 6.90
N SER A 507 -35.47 19.93 7.42
CA SER A 507 -35.08 21.20 8.05
C SER A 507 -35.09 22.39 7.08
N MET A 508 -34.72 22.15 5.82
CA MET A 508 -34.76 23.16 4.77
C MET A 508 -36.21 23.52 4.42
N TYR A 509 -37.00 22.50 4.10
CA TYR A 509 -38.40 22.69 3.67
C TYR A 509 -39.36 23.13 4.78
N ASP A 510 -39.19 22.61 5.99
CA ASP A 510 -40.08 22.94 7.12
C ASP A 510 -39.89 24.40 7.53
N GLU A 511 -41.00 25.13 7.62
CA GLU A 511 -41.01 26.59 7.84
C GLU A 511 -40.29 27.29 6.66
N THR A 512 -39.61 28.41 6.92
CA THR A 512 -38.73 29.07 5.93
C THR A 512 -39.51 29.61 4.72
N ALA A 516 -43.67 31.59 2.04
CA ALA A 516 -44.85 31.25 1.24
C ALA A 516 -44.79 31.91 -0.16
N THR A 517 -45.38 31.23 -1.16
CA THR A 517 -45.30 31.71 -2.55
C THR A 517 -46.29 31.04 -3.51
N GLU A 518 -45.88 30.96 -4.78
CA GLU A 518 -46.61 30.29 -5.84
C GLU A 518 -46.02 28.90 -6.16
N ILE A 519 -46.64 28.21 -7.11
CA ILE A 519 -46.32 26.83 -7.44
C ILE A 519 -45.30 26.72 -8.59
N GLY A 520 -44.08 26.33 -8.24
CA GLY A 520 -43.07 26.04 -9.26
C GLY A 520 -42.23 27.19 -9.78
N ASN A 521 -42.33 28.38 -9.19
CA ASN A 521 -41.54 29.51 -9.68
C ASN A 521 -40.42 29.94 -8.76
N ASP A 522 -40.14 29.15 -7.73
CA ASP A 522 -39.13 29.50 -6.74
C ASP A 522 -37.92 28.62 -6.93
N PHE A 523 -36.77 29.26 -7.04
CA PHE A 523 -35.50 28.56 -7.05
C PHE A 523 -34.81 29.09 -5.80
N THR A 524 -34.64 28.22 -4.82
CA THR A 524 -34.23 28.66 -3.49
C THR A 524 -32.94 29.47 -3.52
N GLY A 525 -31.94 28.92 -4.20
CA GLY A 525 -30.62 29.52 -4.26
C GLY A 525 -29.55 28.46 -4.36
N TRP A 526 -28.91 28.41 -5.51
CA TRP A 526 -27.85 27.46 -5.77
C TRP A 526 -26.59 28.24 -5.89
N LYS A 527 -25.54 27.80 -5.18
CA LYS A 527 -24.28 28.51 -5.23
C LYS A 527 -23.28 27.81 -6.14
N SER A 528 -22.40 28.60 -6.75
CA SER A 528 -21.32 28.10 -7.58
C SER A 528 -20.23 27.49 -6.70
N SER A 529 -19.73 26.33 -7.11
CA SER A 529 -18.61 25.67 -6.42
C SER A 529 -17.29 26.40 -6.63
N TYR A 530 -17.17 27.14 -7.74
CA TYR A 530 -15.95 27.87 -8.08
C TYR A 530 -15.80 29.12 -7.20
N THR A 531 -16.82 29.97 -7.22
CA THR A 531 -16.76 31.31 -6.61
C THR A 531 -17.37 31.43 -5.21
N ARG A 532 -18.28 30.51 -4.87
CA ARG A 532 -19.11 30.57 -3.65
C ARG A 532 -20.23 31.63 -3.71
N ASP A 533 -20.44 32.25 -4.87
CA ASP A 533 -21.54 33.20 -5.09
C ASP A 533 -22.73 32.43 -5.64
N ASN A 534 -23.87 33.11 -5.70
CA ASN A 534 -25.10 32.50 -6.23
C ASN A 534 -25.06 32.34 -7.74
N ILE A 535 -25.68 31.27 -8.24
CA ILE A 535 -25.91 31.08 -9.66
C ILE A 535 -27.11 31.97 -10.04
N PRO A 536 -26.98 32.81 -11.09
CA PRO A 536 -28.10 33.69 -11.47
C PRO A 536 -29.39 32.92 -11.82
N LEU A 537 -30.53 33.49 -11.42
CA LEU A 537 -31.84 32.85 -11.64
C LEU A 537 -32.26 32.76 -13.12
N SER A 538 -31.68 33.59 -13.98
CA SER A 538 -31.87 33.46 -15.43
C SER A 538 -31.28 32.13 -15.96
N GLU A 539 -30.11 31.78 -15.44
CA GLU A 539 -29.46 30.50 -15.77
C GLU A 539 -30.20 29.29 -15.18
N MET A 540 -30.73 29.45 -13.97
CA MET A 540 -31.55 28.41 -13.33
C MET A 540 -32.92 28.22 -13.98
N ARG A 541 -33.49 29.31 -14.49
CA ARG A 541 -34.73 29.25 -15.28
C ARG A 541 -34.56 28.47 -16.58
N ARG A 542 -33.49 28.78 -17.32
CA ARG A 542 -33.17 28.09 -18.56
C ARG A 542 -32.85 26.60 -18.35
N TRP A 543 -32.16 26.30 -17.24
CA TRP A 543 -31.88 24.93 -16.79
C TRP A 543 -33.17 24.13 -16.58
N ARG A 544 -34.15 24.76 -15.92
CA ARG A 544 -35.45 24.17 -15.67
C ARG A 544 -36.28 24.03 -16.96
N ASP A 545 -36.30 25.10 -17.76
CA ASP A 545 -37.06 25.13 -19.02
C ASP A 545 -36.59 24.12 -20.07
N SER A 546 -35.30 23.77 -20.05
CA SER A 546 -34.76 22.71 -20.93
C SER A 546 -35.33 21.33 -20.61
N VAL A 547 -35.57 21.07 -19.31
CA VAL A 547 -36.18 19.83 -18.86
C VAL A 547 -37.66 19.79 -19.23
N VAL A 548 -38.36 20.91 -19.04
CA VAL A 548 -39.79 21.02 -19.39
C VAL A 548 -40.00 20.87 -20.89
N GLU A 549 -39.17 21.57 -21.68
CA GLU A 549 -39.17 21.46 -23.15
C GLU A 549 -39.04 20.01 -23.62
N GLU A 550 -38.17 19.25 -22.96
CA GLU A 550 -37.91 17.85 -23.31
C GLU A 550 -39.11 16.93 -23.00
N VAL A 551 -39.78 17.18 -21.88
CA VAL A 551 -40.98 16.42 -21.49
C VAL A 551 -42.14 16.73 -22.42
N ARG A 552 -42.35 18.01 -22.73
CA ARG A 552 -43.34 18.44 -23.73
C ARG A 552 -43.05 17.83 -25.11
N GLY A 553 -41.78 17.83 -25.50
CA GLY A 553 -41.32 17.23 -26.75
C GLY A 553 -41.60 15.74 -26.90
N LEU A 554 -41.52 15.01 -25.79
CA LEU A 554 -41.90 13.59 -25.75
C LEU A 554 -43.42 13.34 -25.73
N ARG A 555 -44.21 14.42 -25.59
CA ARG A 555 -45.67 14.38 -25.59
C ARG A 555 -46.21 13.57 -24.41
N ALA A 556 -45.83 14.03 -23.22
CA ALA A 556 -46.21 13.39 -21.97
C ALA A 556 -47.67 13.69 -21.63
N ARG A 557 -48.32 12.71 -21.02
CA ARG A 557 -49.75 12.81 -20.63
C ARG A 557 -49.94 12.40 -19.17
N ARG A 558 -49.52 11.18 -18.85
CA ARG A 558 -49.54 10.66 -17.48
C ARG A 558 -48.14 10.59 -16.91
N ILE A 559 -47.81 11.54 -16.02
CA ILE A 559 -46.44 11.74 -15.51
C ILE A 559 -46.34 11.31 -14.05
N LEU A 560 -45.21 10.69 -13.70
CA LEU A 560 -44.80 10.46 -12.30
C LEU A 560 -43.42 11.07 -12.08
N GLU A 561 -43.35 12.11 -11.24
CA GLU A 561 -42.07 12.71 -10.85
C GLU A 561 -41.63 12.18 -9.49
N ILE A 562 -40.56 11.39 -9.47
CA ILE A 562 -39.96 10.92 -8.21
C ILE A 562 -39.03 12.01 -7.69
N GLY A 563 -39.26 12.43 -6.44
CA GLY A 563 -38.57 13.58 -5.85
C GLY A 563 -39.14 14.87 -6.39
N VAL A 564 -40.44 15.06 -6.22
CA VAL A 564 -41.18 16.20 -6.78
C VAL A 564 -40.66 17.56 -6.30
N GLY A 565 -40.23 17.62 -5.04
CA GLY A 565 -39.67 18.83 -4.44
C GLY A 565 -40.73 19.90 -4.20
N SER A 566 -40.35 21.16 -4.38
CA SER A 566 -41.27 22.30 -4.27
C SER A 566 -42.22 22.43 -5.47
N GLY A 567 -42.01 21.64 -6.51
CA GLY A 567 -42.89 21.57 -7.68
C GLY A 567 -42.44 22.43 -8.85
N LEU A 568 -41.14 22.45 -9.11
CA LEU A 568 -40.57 23.24 -10.21
C LEU A 568 -41.01 22.70 -11.57
N LEU A 569 -41.06 21.38 -11.69
CA LEU A 569 -41.58 20.71 -12.89
C LEU A 569 -43.10 20.48 -12.84
N LEU A 570 -43.64 20.27 -11.64
CA LEU A 570 -45.10 20.09 -11.46
C LEU A 570 -45.91 21.30 -11.91
N GLY A 571 -45.40 22.50 -11.62
CA GLY A 571 -46.07 23.76 -12.00
C GLY A 571 -46.37 23.92 -13.49
N PRO A 572 -45.34 23.87 -14.35
CA PRO A 572 -45.55 24.02 -15.80
C PRO A 572 -46.15 22.81 -16.54
N LEU A 573 -45.99 21.59 -16.01
CA LEU A 573 -46.38 20.36 -16.72
C LEU A 573 -47.75 19.79 -16.35
N ALA A 574 -48.14 19.90 -15.09
CA ALA A 574 -49.39 19.32 -14.58
C ALA A 574 -50.70 19.94 -15.14
N PRO A 575 -50.70 21.27 -15.46
CA PRO A 575 -51.90 21.89 -16.04
C PRO A 575 -52.41 21.29 -17.35
N GLU A 576 -51.51 20.92 -18.25
CA GLU A 576 -51.87 20.29 -19.54
C GLU A 576 -51.62 18.78 -19.59
N ALA A 577 -51.59 18.13 -18.42
CA ALA A 577 -51.38 16.68 -18.30
C ALA A 577 -52.67 16.01 -17.85
N GLU A 578 -52.85 14.75 -18.26
CA GLU A 578 -53.99 13.94 -17.82
C GLU A 578 -53.87 13.56 -16.34
N ALA A 579 -52.65 13.21 -15.93
CA ALA A 579 -52.35 12.88 -14.53
C ALA A 579 -50.91 13.24 -14.19
N TYR A 580 -50.71 13.78 -12.98
CA TYR A 580 -49.38 14.13 -12.47
C TYR A 580 -49.23 13.65 -11.03
N TRP A 581 -48.57 12.51 -10.85
CA TRP A 581 -48.27 11.96 -9.53
C TRP A 581 -46.87 12.41 -9.11
N GLY A 582 -46.66 12.58 -7.81
CA GLY A 582 -45.39 13.06 -7.27
C GLY A 582 -45.05 12.45 -5.93
N THR A 583 -43.93 11.73 -5.86
CA THR A 583 -43.41 11.18 -4.60
C THR A 583 -42.24 12.02 -4.08
N ASP A 584 -42.10 12.06 -2.75
CA ASP A 584 -40.99 12.74 -2.10
C ASP A 584 -40.90 12.29 -0.64
N PHE A 585 -39.70 11.92 -0.20
CA PHE A 585 -39.49 11.40 1.16
C PHE A 585 -39.53 12.41 2.31
N SER A 586 -39.57 13.70 1.98
CA SER A 586 -39.70 14.77 2.96
C SER A 586 -41.19 15.15 3.10
N LEU A 587 -41.77 14.85 4.26
CA LEU A 587 -43.19 15.11 4.53
C LEU A 587 -43.57 16.61 4.54
N PRO A 588 -42.68 17.49 5.06
CA PRO A 588 -42.95 18.93 4.99
C PRO A 588 -43.24 19.53 3.59
N VAL A 589 -42.65 18.96 2.54
CA VAL A 589 -42.87 19.48 1.16
C VAL A 589 -44.21 19.01 0.62
N ILE A 590 -44.51 17.72 0.87
CA ILE A 590 -45.77 17.12 0.46
C ILE A 590 -46.94 17.88 1.06
N GLU A 591 -46.86 18.17 2.35
CA GLU A 591 -47.89 18.94 3.04
C GLU A 591 -48.00 20.39 2.57
N ARG A 592 -46.88 21.01 2.18
CA ARG A 592 -46.90 22.34 1.55
C ARG A 592 -47.59 22.28 0.19
N LEU A 593 -47.14 21.36 -0.67
CA LEU A 593 -47.71 21.19 -2.01
C LEU A 593 -49.19 20.79 -2.00
N GLU A 594 -49.58 19.94 -1.05
CA GLU A 594 -50.98 19.51 -0.89
C GLU A 594 -51.91 20.68 -0.54
N VAL A 595 -51.38 21.66 0.21
CA VAL A 595 -52.07 22.92 0.47
C VAL A 595 -52.11 23.80 -0.80
N GLN A 596 -50.99 23.85 -1.52
CA GLN A 596 -50.88 24.66 -2.75
C GLN A 596 -51.83 24.19 -3.87
N VAL A 597 -51.82 22.89 -4.16
CA VAL A 597 -52.72 22.32 -5.17
C VAL A 597 -54.20 22.32 -4.74
N GLY A 598 -54.45 22.35 -3.43
CA GLY A 598 -55.79 22.48 -2.88
C GLY A 598 -56.52 23.77 -3.25
N THR A 599 -55.77 24.86 -3.41
CA THR A 599 -56.35 26.17 -3.74
C THR A 599 -56.89 26.21 -5.17
N ASP A 600 -56.05 25.83 -6.13
CA ASP A 600 -56.42 25.78 -7.55
C ASP A 600 -57.19 24.48 -7.87
N PRO A 601 -58.48 24.57 -8.22
CA PRO A 601 -59.27 23.35 -8.51
C PRO A 601 -59.09 22.76 -9.92
N CYS A 602 -58.32 23.43 -10.79
CA CYS A 602 -58.01 22.91 -12.13
C CYS A 602 -57.17 21.64 -12.07
N LEU A 603 -56.13 21.65 -11.24
CA LEU A 603 -55.21 20.52 -11.07
C LEU A 603 -55.40 19.76 -9.75
N LYS A 604 -56.50 20.00 -9.05
CA LYS A 604 -56.81 19.33 -7.77
C LYS A 604 -57.14 17.85 -7.97
N GLU A 605 -57.98 17.54 -8.95
CA GLU A 605 -58.35 16.15 -9.29
C GLU A 605 -57.21 15.38 -9.99
N LYS A 606 -56.46 16.09 -10.83
CA LYS A 606 -55.33 15.50 -11.57
C LYS A 606 -54.19 15.04 -10.67
N VAL A 607 -53.73 15.93 -9.80
CA VAL A 607 -52.50 15.73 -9.05
C VAL A 607 -52.66 14.75 -7.87
N SER A 608 -51.60 13.97 -7.63
CA SER A 608 -51.50 13.09 -6.47
C SER A 608 -50.14 13.34 -5.81
N LEU A 609 -50.13 13.37 -4.48
CA LEU A 609 -48.91 13.64 -3.72
C LEU A 609 -48.74 12.63 -2.58
N ARG A 610 -47.77 11.73 -2.76
CA ARG A 610 -47.45 10.70 -1.76
C ARG A 610 -46.13 11.05 -1.08
N CYS A 611 -46.06 10.82 0.23
CA CYS A 611 -44.81 10.95 0.98
C CYS A 611 -44.16 9.59 1.16
N GLN A 612 -43.20 9.27 0.30
CA GLN A 612 -42.48 8.00 0.38
C GLN A 612 -41.13 8.06 -0.34
N HIS A 613 -40.29 7.08 -0.02
CA HIS A 613 -38.95 6.97 -0.59
C HIS A 613 -39.01 6.52 -2.04
N ALA A 614 -37.96 6.83 -2.79
CA ALA A 614 -37.88 6.49 -4.20
C ALA A 614 -37.73 4.97 -4.41
N ASP A 615 -37.00 4.35 -3.50
CA ASP A 615 -36.83 2.89 -3.41
C ASP A 615 -38.15 2.11 -3.29
N VAL A 616 -39.11 2.68 -2.56
CA VAL A 616 -40.38 2.03 -2.26
C VAL A 616 -41.39 2.23 -3.39
N ALA A 617 -41.92 1.11 -3.91
CA ALA A 617 -42.96 1.12 -4.97
C ALA A 617 -44.39 1.05 -4.43
N ASP A 618 -44.54 0.69 -3.15
CA ASP A 618 -45.85 0.47 -2.50
C ASP A 618 -46.91 1.55 -2.79
N GLY A 619 -47.97 1.14 -3.47
CA GLY A 619 -49.13 1.98 -3.75
C GLY A 619 -49.12 2.76 -5.06
N LEU A 620 -47.98 2.79 -5.75
CA LEU A 620 -47.88 3.49 -7.04
C LEU A 620 -48.54 2.65 -8.15
N PRO A 621 -49.20 3.30 -9.14
CA PRO A 621 -49.84 2.57 -10.24
C PRO A 621 -48.89 1.71 -11.08
N VAL A 622 -49.32 0.50 -11.41
CA VAL A 622 -48.52 -0.43 -12.21
C VAL A 622 -48.87 -0.26 -13.69
N LYS A 623 -47.86 0.01 -14.51
CA LYS A 623 -47.99 0.16 -15.97
C LYS A 623 -49.13 1.11 -16.37
N TYR A 624 -49.09 2.29 -15.76
CA TYR A 624 -50.11 3.34 -15.89
C TYR A 624 -49.58 4.60 -16.58
N PHE A 625 -48.38 5.01 -16.19
CA PHE A 625 -47.76 6.24 -16.68
C PHE A 625 -47.07 6.04 -18.02
N ASP A 626 -46.89 7.14 -18.75
CA ASP A 626 -46.08 7.15 -19.98
C ASP A 626 -44.73 7.86 -19.84
N THR A 627 -44.44 8.39 -18.66
CA THR A 627 -43.12 9.00 -18.38
C THR A 627 -42.86 9.15 -16.88
N VAL A 628 -41.68 8.73 -16.46
CA VAL A 628 -41.22 8.86 -15.07
C VAL A 628 -40.03 9.81 -15.03
N ILE A 629 -40.16 10.89 -14.26
CA ILE A 629 -39.13 11.92 -14.17
C ILE A 629 -38.28 11.74 -12.90
N LEU A 630 -36.97 11.66 -13.09
CA LEU A 630 -35.98 11.68 -12.01
C LEU A 630 -35.02 12.84 -12.27
N ASN A 631 -35.49 14.07 -12.04
CA ASN A 631 -34.70 15.27 -12.34
C ASN A 631 -34.03 15.82 -11.08
N SER A 632 -32.69 15.80 -11.08
CA SER A 632 -31.85 16.33 -10.00
C SER A 632 -32.22 15.72 -8.63
N VAL A 633 -32.35 14.40 -8.62
CA VAL A 633 -32.67 13.62 -7.41
C VAL A 633 -31.74 12.42 -7.20
N VAL A 634 -31.34 11.76 -8.29
CA VAL A 634 -30.40 10.62 -8.27
C VAL A 634 -29.13 10.84 -7.44
N GLN A 635 -28.61 12.07 -7.47
CA GLN A 635 -27.43 12.46 -6.71
C GLN A 635 -27.53 12.26 -5.19
N TYR A 636 -28.73 12.24 -4.65
CA TYR A 636 -28.95 12.03 -3.21
C TYR A 636 -29.16 10.56 -2.80
N PHE A 637 -28.91 9.63 -3.72
CA PHE A 637 -28.99 8.20 -3.42
C PHE A 637 -27.66 7.68 -2.88
N PRO A 638 -27.70 6.65 -2.00
CA PRO A 638 -26.50 6.17 -1.31
C PRO A 638 -25.51 5.34 -2.14
N ASP A 639 -26.00 4.56 -3.10
CA ASP A 639 -25.12 3.68 -3.90
C ASP A 639 -25.73 3.23 -5.22
N ALA A 640 -24.91 2.57 -6.04
CA ALA A 640 -25.31 2.04 -7.35
C ALA A 640 -26.49 1.06 -7.31
N ALA A 641 -26.53 0.23 -6.28
CA ALA A 641 -27.61 -0.75 -6.12
C ALA A 641 -28.96 -0.08 -5.84
N TYR A 642 -28.93 1.01 -5.08
CA TYR A 642 -30.13 1.82 -4.80
C TYR A 642 -30.66 2.47 -6.08
N LEU A 643 -29.76 3.05 -6.88
CA LEU A 643 -30.11 3.63 -8.18
C LEU A 643 -30.69 2.59 -9.14
N SER A 644 -30.11 1.40 -9.15
CA SER A 644 -30.58 0.30 -9.98
C SER A 644 -31.97 -0.17 -9.58
N ARG A 645 -32.24 -0.16 -8.28
CA ARG A 645 -33.52 -0.60 -7.72
C ARG A 645 -34.65 0.38 -8.02
N VAL A 646 -34.39 1.68 -7.86
CA VAL A 646 -35.38 2.73 -8.17
C VAL A 646 -35.71 2.80 -9.67
N LEU A 647 -34.72 2.56 -10.52
CA LEU A 647 -34.97 2.49 -11.97
C LEU A 647 -35.85 1.28 -12.34
N ASP A 648 -35.63 0.15 -11.68
CA ASP A 648 -36.52 -1.03 -11.84
C ASP A 648 -37.94 -0.75 -11.35
N VAL A 649 -38.05 -0.01 -10.24
CA VAL A 649 -39.35 0.46 -9.74
C VAL A 649 -40.03 1.38 -10.77
N ALA A 650 -39.27 2.37 -11.25
CA ALA A 650 -39.74 3.31 -12.27
C ALA A 650 -40.15 2.64 -13.58
N LEU A 651 -39.46 1.55 -13.93
CA LEU A 651 -39.77 0.78 -15.13
C LEU A 651 -41.12 0.06 -15.02
N ASP A 652 -41.44 -0.45 -13.83
CA ASP A 652 -42.76 -1.05 -13.55
C ASP A 652 -43.92 -0.05 -13.59
N ARG A 653 -43.63 1.22 -13.30
CA ARG A 653 -44.64 2.29 -13.40
C ARG A 653 -45.07 2.56 -14.84
N LEU A 654 -44.13 2.40 -15.77
CA LEU A 654 -44.36 2.75 -17.17
C LEU A 654 -45.21 1.74 -17.93
N ALA A 655 -46.21 2.24 -18.65
CA ALA A 655 -46.96 1.44 -19.62
C ALA A 655 -46.08 1.22 -20.85
N PRO A 656 -46.42 0.22 -21.69
CA PRO A 656 -45.63 -0.02 -22.90
C PRO A 656 -45.53 1.21 -23.81
N GLY A 657 -44.30 1.62 -24.12
CA GLY A 657 -44.02 2.79 -24.96
C GLY A 657 -43.44 3.99 -24.22
N GLY A 658 -43.61 4.03 -22.90
CA GLY A 658 -43.12 5.13 -22.07
C GLY A 658 -41.61 5.14 -21.87
N ARG A 659 -41.14 6.09 -21.06
CA ARG A 659 -39.71 6.26 -20.79
C ARG A 659 -39.39 6.85 -19.42
N ILE A 660 -38.23 6.47 -18.88
CA ILE A 660 -37.69 7.10 -17.69
C ILE A 660 -36.79 8.24 -18.16
N LEU A 661 -37.04 9.44 -17.65
CA LEU A 661 -36.21 10.63 -17.92
C LEU A 661 -35.39 10.94 -16.68
N VAL A 662 -34.11 10.60 -16.71
CA VAL A 662 -33.18 10.88 -15.61
C VAL A 662 -32.37 12.12 -15.98
N GLY A 663 -32.63 13.22 -15.29
CA GLY A 663 -32.02 14.52 -15.60
C GLY A 663 -31.06 14.98 -14.52
N ASP A 664 -30.07 15.79 -14.92
CA ASP A 664 -29.14 16.47 -14.02
C ASP A 664 -28.19 15.47 -13.30
N VAL A 665 -27.69 14.49 -14.07
CA VAL A 665 -26.86 13.42 -13.54
C VAL A 665 -25.42 13.89 -13.51
N ARG A 666 -24.75 13.74 -12.36
CA ARG A 666 -23.35 14.14 -12.21
C ARG A 666 -22.44 13.15 -12.94
N ASN A 667 -21.61 13.65 -13.86
CA ASN A 667 -20.71 12.81 -14.66
C ASN A 667 -19.48 12.40 -13.86
N TYR A 668 -19.29 11.08 -13.73
CA TYR A 668 -18.14 10.51 -12.99
C TYR A 668 -16.85 10.60 -13.79
N GLY A 669 -16.96 10.50 -15.12
CA GLY A 669 -15.82 10.62 -16.02
C GLY A 669 -15.04 11.92 -15.94
N THR A 670 -15.74 13.01 -15.59
CA THR A 670 -15.13 14.34 -15.45
C THR A 670 -15.20 14.90 -14.02
N LEU A 671 -15.31 14.03 -13.03
CA LEU A 671 -15.39 14.44 -11.61
C LEU A 671 -14.05 15.03 -11.14
N ARG A 672 -12.96 14.41 -11.57
CA ARG A 672 -11.61 14.82 -11.16
C ARG A 672 -11.23 16.18 -11.77
N GLU A 673 -11.62 16.40 -13.02
CA GLU A 673 -11.38 17.71 -13.69
C GLU A 673 -12.27 18.83 -13.12
N PHE A 674 -13.48 18.46 -12.67
CA PHE A 674 -14.36 19.39 -11.93
C PHE A 674 -13.73 19.81 -10.60
N LEU A 675 -13.28 18.82 -9.83
CA LEU A 675 -12.71 19.08 -8.50
C LEU A 675 -11.35 19.78 -8.50
N THR A 676 -10.51 19.50 -9.51
CA THR A 676 -9.25 20.24 -9.69
C THR A 676 -9.51 21.71 -10.05
N ALA A 677 -10.58 21.96 -10.81
CA ALA A 677 -10.97 23.32 -11.17
C ALA A 677 -11.46 24.09 -9.95
N VAL A 678 -12.35 23.47 -9.16
CA VAL A 678 -12.85 24.08 -7.92
C VAL A 678 -11.71 24.38 -6.94
N HIS A 679 -10.80 23.42 -6.78
CA HIS A 679 -9.71 23.55 -5.81
C HIS A 679 -8.69 24.62 -6.22
N HIS A 680 -8.28 24.60 -7.49
CA HIS A 680 -7.34 25.61 -8.00
C HIS A 680 -7.94 27.02 -8.04
N ALA A 681 -9.26 27.11 -8.17
CA ALA A 681 -9.98 28.39 -8.11
C ALA A 681 -9.97 28.97 -6.69
N GLN A 682 -10.25 28.11 -5.71
CA GLN A 682 -10.26 28.50 -4.29
C GLN A 682 -8.85 28.63 -3.68
N HIS A 683 -7.91 27.83 -4.18
CA HIS A 683 -6.53 27.78 -3.67
C HIS A 683 -5.53 27.90 -4.82
N PRO A 684 -5.40 29.11 -5.41
CA PRO A 684 -4.52 29.30 -6.58
C PRO A 684 -3.01 29.20 -6.31
N GLN A 685 -2.59 29.33 -5.06
CA GLN A 685 -1.16 29.27 -4.69
C GLN A 685 -0.61 27.85 -4.57
N ASP A 686 -1.49 26.86 -4.42
CA ASP A 686 -1.07 25.47 -4.19
C ASP A 686 -0.36 24.86 -5.40
N SER A 687 0.67 24.05 -5.11
CA SER A 687 1.45 23.36 -6.14
C SER A 687 0.68 22.17 -6.72
N ALA A 688 1.17 21.66 -7.85
CA ALA A 688 0.51 20.56 -8.59
C ALA A 688 0.33 19.29 -7.76
N SER A 689 1.31 18.99 -6.89
CA SER A 689 1.24 17.85 -5.97
C SER A 689 0.19 18.05 -4.86
N ALA A 690 0.10 19.26 -4.33
CA ALA A 690 -0.89 19.63 -3.31
C ALA A 690 -2.33 19.61 -3.84
N VAL A 691 -2.49 19.91 -5.12
CA VAL A 691 -3.81 19.85 -5.78
C VAL A 691 -4.26 18.39 -5.86
N ARG A 692 -3.43 17.54 -6.47
CA ARG A 692 -3.73 16.09 -6.58
C ARG A 692 -4.00 15.42 -5.23
N ALA A 693 -3.29 15.86 -4.19
CA ALA A 693 -3.52 15.39 -2.83
C ALA A 693 -4.90 15.81 -2.30
N ALA A 694 -5.24 17.08 -2.53
CA ALA A 694 -6.54 17.66 -2.13
C ALA A 694 -7.73 17.09 -2.89
N VAL A 695 -7.54 16.86 -4.19
CA VAL A 695 -8.58 16.30 -5.06
C VAL A 695 -8.91 14.85 -4.68
N GLU A 696 -7.88 14.07 -4.34
CA GLU A 696 -8.06 12.69 -3.90
C GLU A 696 -8.95 12.58 -2.65
N ARG A 697 -8.78 13.51 -1.71
CA ARG A 697 -9.64 13.60 -0.52
C ARG A 697 -11.06 14.00 -0.90
N ALA A 698 -11.18 14.97 -1.79
CA ALA A 698 -12.47 15.50 -2.26
C ALA A 698 -13.34 14.46 -2.96
N VAL A 699 -12.70 13.57 -3.73
CA VAL A 699 -13.39 12.46 -4.40
C VAL A 699 -13.99 11.48 -3.38
N LEU A 700 -13.17 11.08 -2.41
CA LEU A 700 -13.59 10.16 -1.35
C LEU A 700 -14.60 10.77 -0.36
N ALA A 701 -14.49 12.09 -0.16
CA ALA A 701 -15.39 12.83 0.74
C ALA A 701 -16.69 13.31 0.08
N GLU A 702 -16.85 13.09 -1.23
CA GLU A 702 -18.05 13.49 -1.96
C GLU A 702 -19.29 12.78 -1.42
N LYS A 703 -20.27 13.55 -1.00
CA LYS A 703 -21.51 13.02 -0.40
C LYS A 703 -22.65 12.81 -1.41
N GLU A 704 -22.52 13.40 -2.60
CA GLU A 704 -23.48 13.18 -3.69
C GLU A 704 -23.04 12.02 -4.60
N LEU A 705 -24.01 11.30 -5.14
CA LEU A 705 -23.76 10.17 -6.04
C LEU A 705 -23.44 10.67 -7.43
N VAL A 706 -22.38 10.12 -8.02
CA VAL A 706 -21.85 10.54 -9.32
C VAL A 706 -21.70 9.30 -10.20
N ILE A 707 -22.37 9.32 -11.35
CA ILE A 707 -22.54 8.13 -12.20
C ILE A 707 -21.89 8.32 -13.57
N ASP A 708 -21.11 7.32 -14.00
CA ASP A 708 -20.54 7.26 -15.34
C ASP A 708 -21.63 6.80 -16.33
N PRO A 709 -21.62 7.31 -17.59
CA PRO A 709 -22.66 6.89 -18.55
C PRO A 709 -22.73 5.39 -18.82
N ASP A 710 -21.59 4.70 -18.71
CA ASP A 710 -21.52 3.24 -18.85
C ASP A 710 -22.43 2.46 -17.90
N PHE A 711 -22.74 3.05 -16.73
CA PHE A 711 -23.70 2.46 -15.78
C PHE A 711 -25.05 2.19 -16.42
N PHE A 712 -25.57 3.17 -17.15
CA PHE A 712 -26.89 3.09 -17.78
C PHE A 712 -26.95 2.10 -18.95
N THR A 713 -25.85 1.96 -19.69
CA THR A 713 -25.75 0.95 -20.76
C THR A 713 -25.62 -0.46 -20.17
N GLU A 714 -24.81 -0.59 -19.13
CA GLU A 714 -24.70 -1.84 -18.35
C GLU A 714 -26.03 -2.24 -17.69
N TRP A 715 -26.73 -1.25 -17.13
CA TRP A 715 -28.05 -1.46 -16.53
C TRP A 715 -29.08 -1.94 -17.57
N ALA A 716 -29.01 -1.37 -18.77
CA ALA A 716 -29.96 -1.64 -19.85
C ALA A 716 -29.79 -2.98 -20.57
N ARG A 717 -28.62 -3.62 -20.44
CA ARG A 717 -28.37 -4.90 -21.13
C ARG A 717 -29.10 -6.07 -20.44
N THR A 718 -29.11 -6.08 -19.12
CA THR A 718 -29.85 -7.07 -18.33
C THR A 718 -31.37 -6.97 -18.53
N ARG A 719 -31.86 -5.75 -18.75
CA ARG A 719 -33.29 -5.47 -18.98
C ARG A 719 -33.64 -5.56 -20.48
N PRO A 720 -34.34 -6.64 -20.92
CA PRO A 720 -34.69 -6.73 -22.34
C PRO A 720 -35.83 -5.79 -22.79
N ASP A 721 -36.71 -5.39 -21.86
CA ASP A 721 -37.77 -4.42 -22.13
C ASP A 721 -37.27 -3.03 -22.54
N VAL A 722 -36.08 -2.65 -22.05
CA VAL A 722 -35.45 -1.39 -22.39
C VAL A 722 -34.81 -1.48 -23.78
N VAL A 723 -35.48 -0.92 -24.79
CA VAL A 723 -35.02 -1.00 -26.19
C VAL A 723 -34.18 0.18 -26.68
N ALA A 724 -34.13 1.25 -25.89
CA ALA A 724 -33.38 2.45 -26.26
C ALA A 724 -32.80 3.15 -25.04
N VAL A 725 -31.56 3.63 -25.18
CA VAL A 725 -30.86 4.39 -24.15
C VAL A 725 -30.22 5.62 -24.81
N ASP A 726 -30.80 6.79 -24.54
CA ASP A 726 -30.37 8.07 -25.11
C ASP A 726 -29.61 8.87 -24.04
N ILE A 727 -28.29 8.92 -24.18
CA ILE A 727 -27.40 9.65 -23.27
C ILE A 727 -26.82 10.85 -24.03
N ARG A 728 -27.09 12.06 -23.54
CA ARG A 728 -26.63 13.31 -24.16
C ARG A 728 -26.20 14.34 -23.14
N LEU A 729 -25.35 15.27 -23.58
CA LEU A 729 -24.92 16.40 -22.76
C LEU A 729 -26.06 17.38 -22.52
N LYS A 730 -25.85 18.30 -21.59
CA LYS A 730 -26.83 19.36 -21.33
C LYS A 730 -26.76 20.43 -22.43
N PRO A 731 -27.92 21.02 -22.80
CA PRO A 731 -27.93 22.05 -23.84
C PRO A 731 -27.61 23.44 -23.28
N GLY A 732 -27.32 24.37 -24.19
CA GLY A 732 -27.20 25.79 -23.85
C GLY A 732 -25.78 26.31 -23.79
N ALA A 733 -25.67 27.65 -23.75
CA ALA A 733 -24.40 28.36 -23.71
C ALA A 733 -24.04 28.91 -22.33
N ASP A 734 -24.80 28.54 -21.30
CA ASP A 734 -24.51 28.96 -19.93
C ASP A 734 -23.24 28.28 -19.41
N GLN A 735 -22.37 29.09 -18.80
CA GLN A 735 -21.08 28.63 -18.29
C GLN A 735 -21.14 28.41 -16.78
N ASN A 736 -21.55 27.21 -16.39
CA ASN A 736 -21.56 26.79 -14.98
C ASN A 736 -21.38 25.28 -14.84
N GLU A 737 -21.16 24.84 -13.60
CA GLU A 737 -20.93 23.42 -13.28
C GLU A 737 -22.07 22.49 -13.72
N LEU A 738 -23.30 22.98 -13.67
CA LEU A 738 -24.48 22.22 -14.11
C LEU A 738 -24.40 21.85 -15.60
N THR A 739 -24.21 22.86 -16.44
CA THR A 739 -24.08 22.66 -17.90
C THR A 739 -22.82 21.88 -18.27
N ARG A 740 -21.71 22.17 -17.59
CA ARG A 740 -20.40 21.59 -17.91
C ARG A 740 -20.28 20.10 -17.57
N HIS A 741 -20.79 19.70 -16.41
CA HIS A 741 -20.52 18.36 -15.85
C HIS A 741 -21.74 17.44 -15.66
N ARG A 742 -22.92 17.87 -16.06
CA ARG A 742 -24.12 17.04 -15.91
C ARG A 742 -24.74 16.66 -17.26
N TYR A 743 -25.64 15.67 -17.22
CA TYR A 743 -26.24 15.11 -18.44
C TYR A 743 -27.63 14.49 -18.24
N GLU A 744 -28.32 14.31 -19.36
CA GLU A 744 -29.65 13.69 -19.39
C GLU A 744 -29.56 12.26 -19.92
N VAL A 745 -30.40 11.39 -19.35
CA VAL A 745 -30.55 10.00 -19.80
C VAL A 745 -32.03 9.73 -20.01
N ILE A 746 -32.37 9.15 -21.16
CA ILE A 746 -33.75 8.72 -21.46
C ILE A 746 -33.73 7.22 -21.78
N LEU A 747 -34.59 6.47 -21.11
CA LEU A 747 -34.66 5.01 -21.22
C LEU A 747 -36.07 4.58 -21.64
N HIS A 748 -36.23 4.12 -22.89
CA HIS A 748 -37.54 3.80 -23.47
C HIS A 748 -37.91 2.31 -23.34
N LYS A 749 -39.22 2.04 -23.25
CA LYS A 749 -39.76 0.68 -23.11
C LYS A 749 -40.05 0.02 -24.48
N GLN A 750 -40.40 -1.27 -24.44
CA GLN A 750 -40.27 -2.19 -25.60
C GLN A 750 -40.86 -1.84 -26.98
N PRO A 751 -42.06 -1.20 -27.05
CA PRO A 751 -42.67 -0.94 -28.36
C PRO A 751 -42.41 0.48 -28.93
N SER A 752 -41.30 1.11 -28.53
CA SER A 752 -41.02 2.51 -28.88
C SER A 752 -40.45 2.70 -30.30
N GLN A 753 -39.68 1.72 -30.77
CA GLN A 753 -39.05 1.75 -32.12
C GLN A 753 -38.08 2.94 -32.30
N PRO A 754 -36.82 2.81 -31.81
CA PRO A 754 -35.86 3.92 -31.83
C PRO A 754 -35.00 3.99 -33.09
N LEU A 755 -34.29 5.11 -33.25
CA LEU A 755 -33.27 5.26 -34.28
C LEU A 755 -31.96 4.66 -33.78
N ARG A 756 -31.49 3.61 -34.43
CA ARG A 756 -30.20 2.98 -34.09
C ARG A 756 -29.05 3.87 -34.57
N LEU A 757 -28.41 4.56 -33.63
CA LEU A 757 -27.26 5.44 -33.91
C LEU A 757 -25.93 4.87 -33.42
N ALA A 758 -25.94 3.62 -32.95
CA ALA A 758 -24.73 2.97 -32.43
C ALA A 758 -23.74 2.62 -33.53
N ASP A 759 -24.25 2.10 -34.64
CA ASP A 759 -23.42 1.65 -35.78
C ASP A 759 -23.43 2.65 -36.96
N VAL A 760 -23.32 3.94 -36.64
CA VAL A 760 -23.12 5.00 -37.64
C VAL A 760 -21.62 5.11 -37.92
N ARG A 761 -21.26 5.40 -39.16
CA ARG A 761 -19.86 5.52 -39.57
C ARG A 761 -19.23 6.76 -38.94
N THR A 762 -18.06 6.59 -38.35
CA THR A 762 -17.41 7.61 -37.50
C THR A 762 -16.22 8.29 -38.18
N ALA A 763 -15.76 9.38 -37.56
CA ALA A 763 -14.59 10.12 -38.00
C ALA A 763 -14.03 10.95 -36.85
N ASN A 764 -12.73 10.85 -36.61
CA ASN A 764 -12.06 11.60 -35.54
C ASN A 764 -11.81 13.07 -35.90
N TRP A 765 -11.86 13.94 -34.88
CA TRP A 765 -11.75 15.39 -35.07
C TRP A 765 -10.33 15.84 -35.40
N GLY A 766 -9.34 15.35 -34.67
CA GLY A 766 -7.94 15.71 -34.91
C GLY A 766 -7.40 15.18 -36.23
N SER A 767 -7.59 13.87 -36.44
CA SER A 767 -6.98 13.16 -37.57
C SER A 767 -7.74 13.38 -38.89
N GLU A 768 -9.02 12.97 -38.92
CA GLU A 768 -9.77 12.83 -40.18
C GLU A 768 -10.31 14.15 -40.73
N VAL A 769 -10.91 14.97 -39.87
CA VAL A 769 -11.60 16.21 -40.28
C VAL A 769 -11.06 17.41 -39.47
N PRO A 770 -10.04 18.13 -40.01
CA PRO A 770 -9.36 19.22 -39.27
C PRO A 770 -10.25 20.37 -38.77
N ASP A 771 -11.14 20.86 -39.63
CA ASP A 771 -11.96 22.05 -39.33
C ASP A 771 -13.41 21.87 -39.79
N LEU A 772 -14.24 22.88 -39.48
CA LEU A 772 -15.67 22.88 -39.82
C LEU A 772 -15.96 22.92 -41.33
N SER A 773 -15.02 23.43 -42.11
CA SER A 773 -15.11 23.38 -43.58
C SER A 773 -15.00 21.92 -44.08
N GLY A 774 -14.08 21.17 -43.49
CA GLY A 774 -13.94 19.73 -43.74
C GLY A 774 -15.14 18.89 -43.32
N LEU A 775 -15.89 19.36 -42.33
CA LEU A 775 -17.15 18.71 -41.92
C LEU A 775 -18.20 18.68 -43.03
N GLU A 776 -18.38 19.82 -43.70
CA GLU A 776 -19.29 19.91 -44.86
C GLU A 776 -18.94 18.89 -45.95
N THR A 777 -17.64 18.76 -46.22
CA THR A 777 -17.13 17.77 -47.17
C THR A 777 -17.39 16.33 -46.69
N ALA A 778 -17.10 16.07 -45.41
CA ALA A 778 -17.27 14.74 -44.81
C ALA A 778 -18.74 14.31 -44.71
N LEU A 779 -19.61 15.24 -44.35
CA LEU A 779 -21.06 15.00 -44.33
C LEU A 779 -21.64 14.75 -45.74
N ALA A 780 -21.04 15.37 -46.75
CA ALA A 780 -21.43 15.16 -48.15
C ALA A 780 -21.05 13.76 -48.66
N ARG A 781 -19.81 13.33 -48.35
CA ARG A 781 -19.31 12.01 -48.74
C ARG A 781 -20.04 10.87 -48.03
N HIS A 782 -20.18 11.00 -46.71
CA HIS A 782 -20.89 10.01 -45.89
C HIS A 782 -22.41 10.06 -46.05
N GLY A 783 -22.92 11.17 -46.59
CA GLY A 783 -24.31 11.29 -47.03
C GLY A 783 -25.28 11.68 -45.92
N GLY A 784 -24.88 12.64 -45.09
CA GLY A 784 -25.73 13.17 -44.01
C GLY A 784 -25.48 12.55 -42.65
N ARG A 785 -25.35 11.23 -42.62
CA ARG A 785 -25.17 10.47 -41.37
C ARG A 785 -23.67 10.29 -41.06
N LEU A 786 -23.22 10.98 -40.01
CA LEU A 786 -21.81 10.95 -39.57
C LEU A 786 -21.76 11.30 -38.09
N ARG A 787 -21.01 10.52 -37.30
CA ARG A 787 -20.70 10.90 -35.91
C ARG A 787 -19.25 11.30 -35.73
N LEU A 788 -19.05 12.50 -35.18
CA LEU A 788 -17.73 13.10 -35.04
C LEU A 788 -17.19 12.83 -33.63
N ALA A 789 -16.04 12.18 -33.55
CA ALA A 789 -15.43 11.76 -32.28
C ALA A 789 -14.14 12.49 -31.95
N ARG A 790 -13.73 12.36 -30.69
CA ARG A 790 -12.51 12.98 -30.14
C ARG A 790 -12.47 14.51 -30.25
N ILE A 791 -13.62 15.15 -30.02
CA ILE A 791 -13.73 16.61 -30.08
C ILE A 791 -13.41 17.15 -28.69
N PRO A 792 -12.38 18.02 -28.57
CA PRO A 792 -12.14 18.64 -27.26
C PRO A 792 -13.30 19.52 -26.81
N ASN A 793 -13.79 19.27 -25.60
CA ASN A 793 -14.95 19.99 -25.06
C ASN A 793 -14.55 21.41 -24.63
N ALA A 794 -15.04 22.40 -25.36
CA ALA A 794 -14.74 23.81 -25.09
C ALA A 794 -15.27 24.30 -23.74
N ARG A 795 -16.34 23.67 -23.24
CA ARG A 795 -16.88 23.96 -21.92
C ARG A 795 -15.88 23.71 -20.79
N LEU A 796 -15.13 22.61 -20.90
CA LEU A 796 -14.08 22.28 -19.92
C LEU A 796 -12.80 23.09 -20.09
N VAL A 797 -12.52 23.54 -21.32
CA VAL A 797 -11.41 24.48 -21.58
C VAL A 797 -11.68 25.84 -20.95
N SER A 798 -12.91 26.33 -21.09
CA SER A 798 -13.33 27.59 -20.46
C SER A 798 -13.30 27.50 -18.93
N GLU A 799 -13.75 26.37 -18.41
CA GLU A 799 -13.67 26.06 -16.97
C GLU A 799 -12.23 26.15 -16.46
N ALA A 800 -11.30 25.62 -17.23
CA ALA A 800 -9.90 25.55 -16.86
C ALA A 800 -9.20 26.91 -16.81
N VAL A 801 -9.38 27.71 -17.85
CA VAL A 801 -8.74 29.04 -17.91
C VAL A 801 -9.25 29.99 -16.82
N GLN A 802 -10.54 29.92 -16.53
CA GLN A 802 -11.16 30.72 -15.47
C GLN A 802 -10.70 30.29 -14.07
N CYS A 803 -10.51 29.00 -13.87
CA CYS A 803 -10.03 28.45 -12.60
C CYS A 803 -8.50 28.35 -12.48
N GLY A 804 -7.80 28.44 -13.61
CA GLY A 804 -6.33 28.47 -13.64
C GLY A 804 -5.64 27.13 -13.73
N VAL A 805 -6.33 26.14 -14.32
CA VAL A 805 -5.83 24.76 -14.44
C VAL A 805 -5.05 24.63 -15.76
N PRO A 806 -3.89 23.91 -15.75
CA PRO A 806 -3.15 23.64 -17.00
C PRO A 806 -3.87 22.78 -18.03
N THR A 807 -4.42 21.64 -17.59
CA THR A 807 -5.22 20.74 -18.44
C THR A 807 -4.39 20.08 -19.56
N ASN A 808 -5.07 19.32 -20.41
CA ASN A 808 -4.43 18.61 -21.49
C ASN A 808 -5.44 18.17 -22.51
N VAL A 809 -5.14 18.41 -23.77
CA VAL A 809 -6.02 17.97 -24.81
C VAL A 809 -5.24 18.24 -26.12
N GLY A 810 -5.90 18.02 -27.24
CA GLY A 810 -5.37 18.42 -28.53
C GLY A 810 -5.88 19.81 -28.85
N GLY A 811 -5.55 20.27 -30.04
CA GLY A 811 -5.91 21.62 -30.44
C GLY A 811 -7.33 21.69 -30.99
N THR A 812 -7.84 22.91 -30.99
CA THR A 812 -9.08 23.28 -31.69
C THR A 812 -10.33 22.63 -31.06
N PRO A 813 -10.76 23.12 -29.89
CA PRO A 813 -12.02 22.72 -29.26
C PRO A 813 -13.27 23.37 -29.85
N LEU A 814 -14.39 22.69 -29.69
CA LEU A 814 -15.70 23.14 -30.16
C LEU A 814 -16.67 23.14 -28.98
N ASP A 815 -17.51 24.17 -28.91
CA ASP A 815 -18.61 24.21 -27.95
C ASP A 815 -19.77 23.37 -28.49
N PRO A 816 -20.26 22.39 -27.72
CA PRO A 816 -21.44 21.59 -28.11
C PRO A 816 -22.67 22.38 -28.58
N HIS A 817 -22.92 23.54 -27.96
CA HIS A 817 -24.04 24.40 -28.35
C HIS A 817 -23.81 25.11 -29.68
N GLU A 818 -22.59 25.59 -29.90
CA GLU A 818 -22.20 26.20 -31.18
C GLU A 818 -22.21 25.19 -32.33
N LEU A 819 -21.82 23.95 -32.04
CA LEU A 819 -21.86 22.86 -33.02
C LEU A 819 -23.30 22.53 -33.43
N ALA A 820 -24.22 22.54 -32.47
CA ALA A 820 -25.64 22.34 -32.73
C ALA A 820 -26.25 23.48 -33.57
N SER A 821 -25.89 24.71 -33.23
CA SER A 821 -26.29 25.89 -33.99
C SER A 821 -25.72 25.87 -35.41
N TRP A 822 -24.45 25.51 -35.53
CA TRP A 822 -23.78 25.32 -36.82
C TRP A 822 -24.48 24.27 -37.67
N GLY A 823 -24.85 23.16 -37.04
CA GLY A 823 -25.60 22.08 -37.70
C GLY A 823 -27.01 22.47 -38.11
N GLY A 824 -27.66 23.28 -37.27
CA GLY A 824 -29.00 23.81 -37.55
C GLY A 824 -29.10 24.68 -38.80
N GLN A 825 -28.05 25.46 -39.06
CA GLN A 825 -27.96 26.28 -40.28
C GLN A 825 -27.85 25.42 -41.55
N ARG A 826 -27.14 24.30 -41.44
CA ARG A 826 -26.91 23.36 -42.56
C ARG A 826 -27.94 22.22 -42.68
N GLY A 827 -29.00 22.27 -41.87
CA GLY A 827 -30.11 21.30 -41.95
C GLY A 827 -29.85 19.99 -41.24
N TYR A 828 -29.13 20.06 -40.12
CA TYR A 828 -28.79 18.88 -39.30
C TYR A 828 -29.20 19.10 -37.84
N SER A 829 -29.47 17.99 -37.16
CA SER A 829 -29.60 17.97 -35.70
C SER A 829 -28.38 17.25 -35.13
N VAL A 830 -27.60 17.97 -34.32
CA VAL A 830 -26.37 17.44 -33.71
C VAL A 830 -26.70 16.96 -32.31
N HIS A 831 -26.43 15.67 -32.05
CA HIS A 831 -26.65 15.04 -30.75
C HIS A 831 -25.32 14.82 -30.05
N CYS A 832 -25.01 15.70 -29.10
CA CYS A 832 -23.74 15.70 -28.40
C CYS A 832 -23.78 14.80 -27.17
N THR A 833 -22.69 14.11 -26.90
CA THR A 833 -22.58 13.18 -25.77
C THR A 833 -21.12 13.05 -25.32
N TRP A 834 -20.91 12.31 -24.23
CA TRP A 834 -19.55 12.10 -23.69
C TRP A 834 -18.72 11.15 -24.54
N SER A 835 -17.41 11.25 -24.39
CA SER A 835 -16.46 10.33 -25.00
C SER A 835 -15.97 9.33 -23.96
N ALA A 836 -16.11 8.04 -24.26
CA ALA A 836 -15.55 6.97 -23.42
C ALA A 836 -14.02 6.92 -23.50
N GLU A 837 -13.46 7.48 -24.57
CA GLU A 837 -12.02 7.53 -24.78
C GLU A 837 -11.29 8.49 -23.83
N ALA A 838 -11.87 9.67 -23.59
CA ALA A 838 -11.26 10.68 -22.70
C ALA A 838 -12.30 11.59 -22.03
N PRO A 839 -12.02 12.07 -20.79
CA PRO A 839 -12.90 13.06 -20.14
C PRO A 839 -13.03 14.39 -20.89
N GLY A 840 -11.89 14.92 -21.34
CA GLY A 840 -11.84 16.17 -22.09
C GLY A 840 -12.53 16.15 -23.45
N TRP A 841 -12.60 14.97 -24.07
CA TRP A 841 -13.27 14.82 -25.37
C TRP A 841 -14.78 14.63 -25.22
N PHE A 842 -15.47 14.79 -26.35
CA PHE A 842 -16.91 14.52 -26.45
C PHE A 842 -17.23 14.13 -27.90
N GLU A 843 -18.28 13.31 -28.06
CA GLU A 843 -18.73 12.83 -29.37
C GLU A 843 -20.03 13.52 -29.78
N ALA A 844 -20.19 13.73 -31.09
CA ALA A 844 -21.35 14.43 -31.65
C ALA A 844 -21.87 13.68 -32.87
N VAL A 845 -23.10 13.16 -32.78
CA VAL A 845 -23.74 12.40 -33.85
C VAL A 845 -24.58 13.35 -34.71
N ILE A 846 -24.15 13.54 -35.97
CA ILE A 846 -24.81 14.46 -36.90
C ILE A 846 -25.74 13.69 -37.86
N ILE A 847 -27.02 14.04 -37.81
CA ILE A 847 -28.08 13.39 -38.60
C ILE A 847 -28.92 14.50 -39.25
N PRO A 848 -29.50 14.24 -40.45
CA PRO A 848 -30.53 15.13 -41.01
C PRO A 848 -31.66 15.42 -40.02
N VAL A 849 -32.04 16.70 -39.92
CA VAL A 849 -32.96 17.18 -38.88
C VAL A 849 -34.33 16.49 -38.93
N ASP A 850 -34.84 16.16 -37.74
CA ASP A 850 -36.21 15.63 -37.58
C ASP A 850 -36.63 15.73 -36.10
N SER A 851 -37.94 15.60 -35.88
CA SER A 851 -38.53 15.73 -34.54
C SER A 851 -38.72 14.39 -33.78
N GLY A 852 -38.12 13.32 -34.28
CA GLY A 852 -38.25 11.99 -33.68
C GLY A 852 -37.48 11.85 -32.38
N HIS A 853 -38.12 12.21 -31.27
CA HIS A 853 -37.51 12.14 -29.93
C HIS A 853 -37.51 10.71 -29.39
N CYS A 854 -36.70 9.87 -30.01
CA CYS A 854 -36.56 8.46 -29.60
C CYS A 854 -35.31 7.86 -30.26
N ARG A 855 -34.17 8.02 -29.57
CA ARG A 855 -32.87 7.61 -30.08
C ARG A 855 -32.24 6.52 -29.22
N ASP A 856 -31.28 5.81 -29.82
CA ASP A 856 -30.51 4.77 -29.13
C ASP A 856 -29.07 4.79 -29.61
N GLY A 857 -28.13 4.58 -28.68
CA GLY A 857 -26.71 4.46 -29.01
C GLY A 857 -26.05 5.75 -29.46
N VAL A 858 -26.43 6.87 -28.84
CA VAL A 858 -25.77 8.16 -29.09
C VAL A 858 -24.40 8.09 -28.42
N TYR A 859 -24.41 7.74 -27.14
CA TYR A 859 -23.18 7.41 -26.42
C TYR A 859 -22.74 6.01 -26.82
N ARG A 860 -21.48 5.86 -27.24
CA ARG A 860 -20.89 4.55 -27.56
C ARG A 860 -19.73 4.25 -26.59
N PRO A 861 -19.80 3.11 -25.85
CA PRO A 861 -18.62 2.69 -25.09
C PRO A 861 -17.47 2.22 -25.99
N VAL A 862 -16.24 2.39 -25.51
CA VAL A 862 -15.03 1.98 -26.24
C VAL A 862 -14.15 1.19 -25.28
N GLY A 863 -13.89 -0.08 -25.62
CA GLY A 863 -13.08 -0.98 -24.80
C GLY A 863 -13.82 -1.47 -23.56
N PRO A 864 -13.31 -2.56 -22.93
CA PRO A 864 -13.96 -3.05 -21.71
C PRO A 864 -13.55 -2.20 -20.50
N ARG A 865 -14.46 -1.30 -20.10
CA ARG A 865 -14.23 -0.38 -18.99
C ARG A 865 -15.39 -0.33 -17.97
N PRO A 866 -15.67 -1.45 -17.26
CA PRO A 866 -16.49 -1.37 -16.04
C PRO A 866 -15.67 -1.33 -14.73
N ARG A 867 -14.53 -0.63 -14.73
CA ARG A 867 -13.64 -0.60 -13.56
C ARG A 867 -14.25 0.13 -12.36
N GLN A 868 -14.93 1.25 -12.63
CA GLN A 868 -15.67 2.02 -11.62
C GLN A 868 -16.71 2.89 -12.31
N LEU A 869 -17.97 2.49 -12.21
CA LEU A 869 -19.10 3.17 -12.83
C LEU A 869 -19.70 4.25 -11.94
N VAL A 870 -19.73 4.00 -10.64
CA VAL A 870 -20.29 4.93 -9.66
C VAL A 870 -19.32 5.08 -8.48
N ASN A 871 -19.37 6.22 -7.81
CA ASN A 871 -18.67 6.42 -6.53
C ASN A 871 -19.51 5.84 -5.37
N LEU A 872 -18.99 5.92 -4.14
CA LEU A 872 -19.67 5.36 -2.97
C LEU A 872 -19.80 6.41 -1.83
N PRO A 873 -20.81 7.30 -1.92
CA PRO A 873 -21.01 8.34 -0.89
C PRO A 873 -21.47 7.85 0.49
N ALA A 874 -22.12 6.70 0.54
CA ALA A 874 -22.56 6.09 1.81
C ALA A 874 -21.40 5.70 2.71
N ALA A 875 -20.27 5.33 2.10
CA ALA A 875 -19.06 4.90 2.80
C ALA A 875 -18.05 6.03 3.06
N ALA A 876 -18.40 7.27 2.72
CA ALA A 876 -17.50 8.43 2.87
C ALA A 876 -17.02 8.66 4.32
N ARG A 877 -17.89 8.37 5.29
CA ARG A 877 -17.53 8.50 6.71
C ARG A 877 -16.61 7.38 7.20
N ARG A 878 -16.82 6.15 6.72
CA ARG A 878 -15.90 5.02 7.00
C ARG A 878 -14.51 5.22 6.40
N VAL A 879 -14.44 5.89 5.25
CA VAL A 879 -13.17 6.20 4.59
C VAL A 879 -12.30 7.15 5.42
N SER A 880 -12.92 8.15 6.05
CA SER A 880 -12.22 9.10 6.92
C SER A 880 -11.71 8.45 8.23
N ARG A 881 -12.42 7.42 8.71
CA ARG A 881 -12.03 6.67 9.92
C ARG A 881 -10.94 5.61 9.69
N LEU A 882 -10.71 5.21 8.44
CA LEU A 882 -9.74 4.14 8.11
C LEU A 882 -8.29 4.43 8.51
N PRO A 883 -7.75 5.63 8.17
CA PRO A 883 -6.40 6.00 8.62
C PRO A 883 -6.13 5.84 10.12
N SER A 884 -7.09 6.26 10.94
CA SER A 884 -7.01 6.09 12.40
C SER A 884 -7.12 4.61 12.80
N TRP A 885 -8.16 3.95 12.30
CA TRP A 885 -8.49 2.57 12.66
C TRP A 885 -7.41 1.56 12.27
N LEU A 886 -6.85 1.71 11.08
CA LEU A 886 -5.79 0.82 10.59
C LEU A 886 -4.47 0.94 11.37
N ARG A 887 -4.13 2.17 11.77
CA ARG A 887 -2.98 2.41 12.66
C ARG A 887 -3.13 1.67 13.99
N GLU A 888 -4.34 1.73 14.57
CA GLU A 888 -4.66 1.03 15.82
C GLU A 888 -4.65 -0.50 15.67
N GLU A 889 -5.09 -0.99 14.52
CA GLU A 889 -5.12 -2.42 14.22
C GLU A 889 -3.70 -3.00 14.06
N LEU A 890 -2.87 -2.33 13.26
CA LEU A 890 -1.48 -2.75 13.04
C LEU A 890 -0.58 -2.58 14.27
N ALA A 891 -0.87 -1.57 15.10
CA ALA A 891 -0.16 -1.37 16.36
C ALA A 891 -0.41 -2.50 17.37
N ALA A 892 -1.60 -3.10 17.32
CA ALA A 892 -1.96 -4.24 18.17
C ALA A 892 -1.42 -5.58 17.66
N GLU A 893 -1.11 -5.66 16.36
CA GLU A 893 -0.55 -6.86 15.73
C GLU A 893 0.98 -6.81 15.63
N LEU A 894 1.49 -5.75 15.02
CA LEU A 894 2.90 -5.67 14.60
C LEU A 894 3.80 -4.87 15.57
N PRO A 895 5.14 -5.07 15.48
CA PRO A 895 6.13 -4.16 16.08
C PRO A 895 5.97 -2.71 15.60
N GLU A 896 6.35 -1.77 16.47
CA GLU A 896 6.13 -0.33 16.20
C GLU A 896 6.73 0.19 14.90
N HIS A 897 7.92 -0.30 14.55
CA HIS A 897 8.62 0.10 13.32
C HIS A 897 7.92 -0.33 12.02
N LEU A 898 7.11 -1.39 12.08
CA LEU A 898 6.31 -1.85 10.94
C LEU A 898 5.03 -1.04 10.73
N VAL A 899 4.53 -0.39 11.79
CA VAL A 899 3.36 0.49 11.67
C VAL A 899 3.79 1.75 10.92
N PRO A 900 3.12 2.05 9.77
CA PRO A 900 3.52 3.22 9.00
C PRO A 900 3.09 4.53 9.65
N GLY A 901 3.79 5.60 9.33
CA GLY A 901 3.53 6.92 9.91
C GLY A 901 2.16 7.46 9.54
N ASP A 902 1.89 7.50 8.24
CA ASP A 902 0.63 8.03 7.71
C ASP A 902 -0.02 7.01 6.77
N ILE A 903 -1.35 6.92 6.84
CA ILE A 903 -2.14 6.07 5.93
C ILE A 903 -3.10 6.94 5.11
N VAL A 904 -2.84 7.01 3.80
CA VAL A 904 -3.64 7.79 2.86
C VAL A 904 -4.61 6.86 2.13
N VAL A 905 -5.87 7.26 2.05
CA VAL A 905 -6.90 6.51 1.32
C VAL A 905 -7.01 7.04 -0.11
N MET A 906 -7.29 6.14 -1.04
CA MET A 906 -7.49 6.47 -2.47
C MET A 906 -8.61 5.61 -3.03
N GLU A 907 -9.33 6.12 -4.02
CA GLU A 907 -10.38 5.32 -4.69
C GLU A 907 -9.80 4.28 -5.67
N ARG A 908 -8.64 4.59 -6.25
CA ARG A 908 -7.91 3.64 -7.08
C ARG A 908 -6.41 3.95 -7.08
N LEU A 909 -5.60 2.91 -7.16
CA LEU A 909 -4.15 3.05 -7.27
C LEU A 909 -3.80 3.52 -8.69
N PRO A 910 -3.02 4.62 -8.83
CA PRO A 910 -2.58 5.03 -10.16
C PRO A 910 -1.69 4.00 -10.84
N LEU A 911 -2.15 3.48 -11.98
CA LEU A 911 -1.43 2.47 -12.76
C LEU A 911 -0.71 3.12 -13.94
N THR A 912 0.38 2.48 -14.37
CA THR A 912 1.08 2.85 -15.60
C THR A 912 0.37 2.26 -16.81
N THR A 913 0.78 2.68 -18.00
CA THR A 913 0.17 2.22 -19.27
C THR A 913 0.31 0.71 -19.51
N ASN A 914 1.47 0.16 -19.16
CA ASN A 914 1.73 -1.29 -19.30
C ASN A 914 0.93 -2.18 -18.34
N GLY A 915 0.72 -1.70 -17.11
CA GLY A 915 -0.03 -2.45 -16.09
C GLY A 915 0.39 -2.26 -14.64
N LYS A 916 1.69 -2.05 -14.42
CA LYS A 916 2.28 -1.97 -13.07
C LYS A 916 1.94 -0.66 -12.35
N ILE A 917 2.33 -0.59 -11.07
CA ILE A 917 1.98 0.55 -10.20
C ILE A 917 2.82 1.79 -10.54
N ASP A 918 2.14 2.92 -10.70
CA ASP A 918 2.79 4.22 -10.96
C ASP A 918 3.02 4.95 -9.64
N HIS A 919 4.27 4.95 -9.17
CA HIS A 919 4.63 5.54 -7.88
C HIS A 919 4.66 7.08 -7.87
N SER A 920 4.97 7.69 -9.01
CA SER A 920 5.05 9.15 -9.13
C SER A 920 3.72 9.88 -8.92
N ARG A 921 2.62 9.25 -9.36
CA ARG A 921 1.28 9.83 -9.21
C ARG A 921 0.72 9.78 -7.77
N LEU A 922 1.27 8.92 -6.93
CA LEU A 922 0.80 8.77 -5.54
C LEU A 922 0.92 10.08 -4.76
N PRO A 923 -0.18 10.54 -4.12
CA PRO A 923 -0.19 11.87 -3.50
C PRO A 923 0.68 11.99 -2.24
N GLU A 924 1.29 13.15 -2.06
CA GLU A 924 2.08 13.44 -0.87
C GLU A 924 1.19 13.71 0.33
N VAL A 925 1.77 13.63 1.52
CA VAL A 925 1.01 13.73 2.77
C VAL A 925 0.74 15.20 3.10
N SER B 18 16.57 -6.27 -15.84
CA SER B 18 16.26 -7.74 -15.80
C SER B 18 15.80 -8.19 -14.41
N VAL B 19 15.36 -9.44 -14.34
CA VAL B 19 14.95 -10.09 -13.09
C VAL B 19 16.05 -11.07 -12.64
N ASN B 20 16.08 -11.37 -11.34
CA ASN B 20 17.00 -12.38 -10.79
C ASN B 20 16.67 -13.80 -11.28
N PRO B 21 17.69 -14.59 -11.70
CA PRO B 21 17.42 -15.93 -12.25
C PRO B 21 16.71 -16.93 -11.33
N PHE B 22 16.88 -16.77 -10.01
CA PHE B 22 16.19 -17.63 -9.03
C PHE B 22 14.71 -17.30 -8.82
N ASP B 23 14.27 -16.11 -9.26
CA ASP B 23 12.86 -15.69 -9.21
C ASP B 23 12.27 -15.44 -10.61
N ASP B 24 12.71 -16.22 -11.61
CA ASP B 24 12.40 -15.94 -13.02
C ASP B 24 10.95 -16.23 -13.40
N GLU B 25 10.35 -17.25 -12.76
CA GLU B 25 8.94 -17.66 -12.96
C GLU B 25 8.75 -18.39 -14.30
N ASP B 26 8.95 -17.68 -15.41
CA ASP B 26 8.98 -18.27 -16.76
C ASP B 26 10.42 -18.69 -17.08
N GLY B 27 10.90 -19.67 -16.32
CA GLY B 27 12.29 -20.13 -16.39
C GLY B 27 12.42 -21.61 -16.10
N GLU B 28 13.55 -22.18 -16.53
CA GLU B 28 13.83 -23.61 -16.42
C GLU B 28 14.80 -23.87 -15.27
N PHE B 29 14.49 -24.86 -14.43
CA PHE B 29 15.20 -25.10 -13.18
C PHE B 29 15.52 -26.58 -12.91
N TYR B 30 16.62 -26.81 -12.21
CA TYR B 30 16.89 -28.07 -11.51
C TYR B 30 16.67 -27.89 -10.02
N VAL B 31 16.58 -29.01 -9.31
CA VAL B 31 16.69 -29.04 -7.84
C VAL B 31 17.92 -29.89 -7.53
N LEU B 32 18.94 -29.22 -7.00
CA LEU B 32 20.18 -29.88 -6.59
C LEU B 32 20.06 -30.33 -5.15
N VAL B 33 20.85 -31.32 -4.75
CA VAL B 33 20.99 -31.70 -3.34
C VAL B 33 22.45 -31.82 -2.93
N ASN B 34 22.70 -31.51 -1.67
CA ASN B 34 24.03 -31.49 -1.08
C ASN B 34 24.43 -32.92 -0.70
N ASP B 35 25.70 -33.09 -0.31
CA ASP B 35 26.13 -34.31 0.37
C ASP B 35 25.47 -34.45 1.75
N GLU B 36 25.09 -33.31 2.32
CA GLU B 36 24.30 -33.22 3.56
C GLU B 36 22.76 -33.22 3.36
N GLU B 37 22.30 -33.57 2.16
CA GLU B 37 20.86 -33.60 1.77
C GLU B 37 20.09 -32.26 1.88
N GLN B 38 20.81 -31.15 1.79
CA GLN B 38 20.22 -29.81 1.73
C GLN B 38 19.91 -29.46 0.28
N HIS B 39 18.66 -29.11 0.00
CA HIS B 39 18.22 -28.84 -1.36
C HIS B 39 18.55 -27.40 -1.77
N SER B 40 18.77 -27.22 -3.07
CA SER B 40 19.02 -25.90 -3.67
C SER B 40 18.34 -25.82 -5.02
N LEU B 41 17.53 -24.79 -5.20
CA LEU B 41 16.96 -24.46 -6.51
C LEU B 41 18.09 -23.91 -7.37
N TRP B 42 18.06 -24.16 -8.68
CA TRP B 42 19.17 -23.78 -9.55
C TRP B 42 18.81 -23.80 -11.04
N PRO B 43 19.12 -22.70 -11.79
CA PRO B 43 18.71 -22.59 -13.19
C PRO B 43 19.57 -23.42 -14.14
N THR B 44 18.92 -23.98 -15.16
CA THR B 44 19.54 -25.00 -16.04
C THR B 44 20.68 -24.48 -16.93
N PHE B 45 20.65 -23.19 -17.26
CA PHE B 45 21.70 -22.59 -18.09
C PHE B 45 23.08 -22.55 -17.44
N GLY B 46 23.10 -22.49 -16.10
CA GLY B 46 24.34 -22.31 -15.35
C GLY B 46 25.23 -23.53 -15.26
N ASP B 47 26.50 -23.28 -14.97
CA ASP B 47 27.50 -24.32 -14.73
C ASP B 47 27.26 -24.93 -13.35
N VAL B 48 26.77 -26.17 -13.32
CA VAL B 48 26.38 -26.83 -12.06
C VAL B 48 27.59 -26.97 -11.13
N PRO B 49 27.49 -26.48 -9.86
CA PRO B 49 28.64 -26.55 -8.94
C PRO B 49 29.06 -27.96 -8.52
N ASP B 50 30.32 -28.08 -8.10
CA ASP B 50 30.87 -29.35 -7.59
C ASP B 50 30.20 -29.73 -6.28
N GLY B 51 30.03 -31.02 -6.05
CA GLY B 51 29.41 -31.54 -4.83
C GLY B 51 27.91 -31.37 -4.73
N TRP B 52 27.24 -31.25 -5.89
CA TRP B 52 25.79 -31.15 -5.99
C TRP B 52 25.30 -32.09 -7.09
N ARG B 53 24.24 -32.84 -6.80
CA ARG B 53 23.63 -33.75 -7.79
C ARG B 53 22.16 -33.38 -8.04
N ILE B 54 21.75 -33.50 -9.30
CA ILE B 54 20.40 -33.10 -9.76
C ILE B 54 19.42 -34.24 -9.48
N VAL B 55 18.41 -33.96 -8.65
CA VAL B 55 17.38 -34.94 -8.31
C VAL B 55 16.07 -34.70 -9.06
N PHE B 56 15.85 -33.47 -9.52
CA PHE B 56 14.63 -33.10 -10.23
C PHE B 56 14.96 -32.47 -11.57
N GLY B 57 14.84 -33.27 -12.63
CA GLY B 57 15.14 -32.87 -13.99
C GLY B 57 14.35 -31.66 -14.44
N PRO B 58 14.75 -31.06 -15.58
CA PRO B 58 14.35 -29.72 -16.01
C PRO B 58 12.86 -29.48 -15.83
N ALA B 59 12.51 -28.38 -15.19
CA ALA B 59 11.10 -28.07 -14.96
C ALA B 59 10.89 -26.59 -14.73
N GLY B 60 9.62 -26.21 -14.64
CA GLY B 60 9.24 -24.84 -14.27
C GLY B 60 9.50 -24.56 -12.81
N ARG B 61 9.40 -23.29 -12.44
CA ARG B 61 9.71 -22.86 -11.07
C ARG B 61 8.68 -23.36 -10.05
N ALA B 62 7.40 -23.27 -10.39
CA ALA B 62 6.31 -23.72 -9.52
C ALA B 62 6.43 -25.20 -9.14
N GLU B 63 6.66 -26.04 -10.13
CA GLU B 63 6.81 -27.50 -9.92
C GLU B 63 8.16 -27.87 -9.27
N SER B 64 9.19 -27.04 -9.52
CA SER B 64 10.47 -27.18 -8.82
C SER B 64 10.36 -26.81 -7.33
N VAL B 65 9.65 -25.71 -7.05
CA VAL B 65 9.32 -25.30 -5.68
C VAL B 65 8.42 -26.34 -4.99
N ALA B 66 7.43 -26.84 -5.74
CA ALA B 66 6.52 -27.90 -5.25
C ALA B 66 7.25 -29.20 -4.90
N TYR B 67 8.33 -29.50 -5.62
CA TYR B 67 9.17 -30.66 -5.31
C TYR B 67 9.88 -30.52 -3.96
N VAL B 68 10.39 -29.32 -3.67
CA VAL B 68 11.17 -29.07 -2.44
C VAL B 68 10.31 -29.20 -1.17
N GLU B 69 9.07 -28.73 -1.23
CA GLU B 69 8.11 -28.90 -0.12
C GLU B 69 7.89 -30.37 0.24
N GLU B 70 7.62 -31.16 -0.79
CA GLU B 70 7.32 -32.59 -0.61
C GLU B 70 8.53 -33.40 -0.15
N ASN B 71 9.71 -33.10 -0.70
CA ASN B 71 10.90 -33.96 -0.55
C ASN B 71 11.92 -33.58 0.53
N TRP B 72 12.03 -32.30 0.87
CA TRP B 72 12.99 -31.88 1.92
C TRP B 72 12.48 -32.30 3.30
N THR B 73 11.34 -31.76 3.71
CA THR B 73 10.66 -32.09 4.99
C THR B 73 11.52 -31.80 6.24
N ASP B 74 12.53 -32.64 6.48
CA ASP B 74 13.48 -32.49 7.58
C ASP B 74 14.65 -31.62 7.12
N MET B 75 14.80 -30.46 7.75
CA MET B 75 15.84 -29.47 7.36
C MET B 75 17.20 -29.62 8.09
N ARG B 76 17.33 -30.61 8.97
CA ARG B 76 18.57 -30.84 9.70
C ARG B 76 19.68 -31.35 8.76
N PRO B 77 20.89 -30.78 8.85
CA PRO B 77 21.98 -31.18 7.95
C PRO B 77 22.72 -32.44 8.43
N LYS B 78 22.09 -33.60 8.21
CA LYS B 78 22.65 -34.94 8.52
C LYS B 78 23.58 -35.02 9.76
N SER B 79 23.09 -34.47 10.87
CA SER B 79 23.74 -34.64 12.18
C SER B 79 23.21 -35.94 12.77
N LEU B 80 21.90 -35.99 12.98
CA LEU B 80 21.17 -37.21 13.34
C LEU B 80 20.46 -37.77 12.11
N ARG B 81 19.73 -36.90 11.41
CA ARG B 81 19.09 -37.23 10.14
C ARG B 81 20.12 -37.66 9.10
C8 B6G C . 21.53 -3.82 4.82
C5 B6G C . 20.87 -5.81 5.94
C6 B6G C . 21.05 -6.19 4.47
N1 B6G C . 22.86 -3.31 5.28
C2 B6G C . 24.85 -5.92 12.05
N3 B6G C . 25.39 -0.24 4.20
C4 B6G C . 21.85 -6.06 9.60
O7 B6G C . 21.48 -4.90 9.54
C3 B6G C . 22.84 -6.51 10.67
N B6G C . 23.03 -7.96 10.50
C1 B6G C . 24.25 -5.89 10.65
C B6G C . 24.36 -4.46 10.13
O B6G C . 21.32 -7.05 8.67
P B6G C . 19.81 -7.07 8.10
O5 B6G C . 18.90 -6.34 9.07
O6 B6G C . 19.36 -8.50 8.01
O1 B6G C . 19.74 -6.41 6.60
O4 B6G C . 20.80 -4.38 5.92
C7 B6G C . 21.64 -4.95 3.81
O3 B6G C . 20.97 -4.57 2.60
O2 B6G C . 19.81 -6.61 3.87
C13 B6G C . 23.59 -3.81 6.30
N5 B6G C . 24.74 -3.11 6.49
C12 B6G C . 24.77 -2.14 5.58
C9 B6G C . 23.53 -2.27 4.78
C11 B6G C . 25.72 -1.05 5.23
N4 B6G C . 26.87 -0.89 5.92
C10 B6G C . 24.23 -0.39 3.52
N2 B6G C . 23.33 -1.36 3.78
N SAH D . -37.04 17.03 -8.87
CA SAH D . -37.22 18.47 -8.46
CB SAH D . -36.64 18.76 -7.08
CG SAH D . -35.13 18.53 -6.93
SD SAH D . -34.68 18.66 -5.22
C SAH D . -36.66 19.41 -9.51
O SAH D . -36.22 18.99 -10.59
OXT SAH D . -36.64 20.62 -9.32
C5' SAH D . -34.40 16.98 -4.74
C4' SAH D . -35.66 16.41 -4.09
O4' SAH D . -35.56 14.98 -4.04
C3' SAH D . -35.87 16.90 -2.68
O3' SAH D . -37.13 17.60 -2.58
C2' SAH D . -35.83 15.66 -1.80
O2' SAH D . -36.87 15.68 -0.82
C1' SAH D . -35.99 14.50 -2.76
N9 SAH D . -35.20 13.29 -2.40
C8 SAH D . -33.88 13.24 -2.15
N7 SAH D . -33.49 11.97 -1.86
C5 SAH D . -34.58 11.18 -1.92
C6 SAH D . -34.88 9.74 -1.73
N6 SAH D . -33.90 8.86 -1.40
N1 SAH D . -36.16 9.32 -1.90
C2 SAH D . -37.15 10.20 -2.24
N3 SAH D . -36.94 11.52 -2.42
C4 SAH D . -35.71 12.06 -2.29
CL CL E . -25.09 13.80 3.86
CL CL F . 24.07 -14.24 40.72
CL CL G . 20.61 -28.39 16.12
CA CA H . 41.40 -3.63 16.37
CA CA I . -33.98 20.38 -24.44
CA CA J . 18.32 -1.74 15.28
#